data_1H0G
#
_entry.id   1H0G
#
_cell.length_a   55.063
_cell.length_b   102.934
_cell.length_c   185.784
_cell.angle_alpha   90.00
_cell.angle_beta   90.00
_cell.angle_gamma   90.00
#
_symmetry.space_group_name_H-M   'P 21 21 21'
#
loop_
_entity.id
_entity.type
_entity.pdbx_description
1 polymer 'CHITINASE B'
2 polymer Argadin
3 non-polymer GLYCEROL
4 water water
#
loop_
_entity_poly.entity_id
_entity_poly.type
_entity_poly.pdbx_seq_one_letter_code
_entity_poly.pdbx_strand_id
1 'polypeptide(L)'
;MSTRKAVIGYYFIPTNQINNYTETDTSVVPFPVSNITPAKAKQLTHINFSFLDINSNLECAWDPATNDAKARDVVNRLTA
LKAHNPSLRIMFSIGGWYYSNDLGVSHANYVNAVKTPASRTKFAQSCVRIMKDYGFDGVDIDWEYPQAAEVDGFIAALQE
IRTLLNQQTITDGRQALPYQLTIAGAGGAFFLSRYYSKLAQIVAPLDYINLMTYDLAGPWEKVTNHQAALFGDAAGPTFY
NALREANLGWSWEELTRAFPSPFSLTVDAAVQQHLMMEGVPSAKIVMGVPFYGRAFKGVSGGNGGQYSSHSTPGEDPYPS
TDYWLVGCEECVRDKDPRIASYRQLEQMLQGNYGYQRLWNDKTKTPYLYHAQNGLFVTYDDAESFKYKAKYIKQQQLGGV
MFWHLGQDNRNGDLLAALDRYFNAADYDDSQLDMGTGLRYTGVGPGNLPIMTAPAYVPGTTYAQGALVSYQGYVWQTKWG
YITSAPGSDSAWLKVGRVA
;
A,B
2 'polypeptide(L)' (0AR)(DPR)(HSE)H(UN1) C,D
#
loop_
_chem_comp.id
_chem_comp.type
_chem_comp.name
_chem_comp.formula
GOL non-polymer GLYCEROL 'C3 H8 O3'
#
# COMPACT_ATOMS: atom_id res chain seq x y z
N THR A 3 -38.33 1.66 -0.69
CA THR A 3 -38.28 3.04 -0.10
C THR A 3 -37.99 4.09 -1.18
N ARG A 4 -38.55 5.28 -1.00
CA ARG A 4 -38.41 6.34 -2.00
C ARG A 4 -37.00 6.89 -2.21
N LYS A 5 -36.61 6.97 -3.47
CA LYS A 5 -35.29 7.50 -3.81
C LYS A 5 -35.28 9.00 -3.52
N ALA A 6 -34.17 9.51 -3.03
CA ALA A 6 -34.07 10.93 -2.77
C ALA A 6 -33.94 11.66 -4.11
N VAL A 7 -34.48 12.86 -4.17
CA VAL A 7 -34.36 13.72 -5.35
C VAL A 7 -34.02 15.06 -4.73
N ILE A 8 -32.72 15.35 -4.74
CA ILE A 8 -32.15 16.54 -4.12
C ILE A 8 -31.69 17.62 -5.09
N GLY A 9 -32.44 18.72 -5.09
CA GLY A 9 -32.11 19.81 -5.97
C GLY A 9 -31.50 21.00 -5.24
N TYR A 10 -30.32 21.42 -5.71
CA TYR A 10 -29.64 22.57 -5.14
C TYR A 10 -30.36 23.77 -5.66
N TYR A 11 -30.52 24.78 -4.82
CA TYR A 11 -31.15 26.03 -5.23
C TYR A 11 -30.11 27.06 -4.87
N PHE A 12 -29.37 27.52 -5.87
CA PHE A 12 -28.34 28.49 -5.61
C PHE A 12 -28.80 29.88 -5.96
N ILE A 13 -28.58 30.81 -5.03
CA ILE A 13 -28.97 32.18 -5.29
C ILE A 13 -27.93 33.15 -4.74
N PRO A 14 -27.31 33.92 -5.64
CA PRO A 14 -26.29 34.92 -5.29
C PRO A 14 -26.80 35.97 -4.31
N THR A 15 -25.89 36.52 -3.53
CA THR A 15 -26.24 37.54 -2.56
C THR A 15 -26.91 38.72 -3.28
N ASN A 16 -26.41 39.10 -4.46
CA ASN A 16 -27.00 40.21 -5.20
C ASN A 16 -28.47 39.94 -5.57
N GLN A 17 -28.78 38.70 -5.92
CA GLN A 17 -30.15 38.33 -6.28
C GLN A 17 -31.07 38.24 -5.07
N ILE A 18 -30.51 37.92 -3.90
CA ILE A 18 -31.34 37.86 -2.70
C ILE A 18 -31.64 39.31 -2.31
N ASN A 19 -30.59 40.13 -2.30
CA ASN A 19 -30.73 41.53 -1.92
C ASN A 19 -31.57 42.33 -2.90
N ASN A 20 -31.93 41.71 -4.02
CA ASN A 20 -32.75 42.41 -5.01
C ASN A 20 -33.84 41.48 -5.48
N TYR A 21 -34.16 40.52 -4.63
CA TYR A 21 -35.16 39.52 -4.96
C TYR A 21 -36.48 40.05 -5.53
N THR A 22 -36.95 39.38 -6.57
CA THR A 22 -38.22 39.70 -7.22
C THR A 22 -38.67 38.47 -7.99
N GLU A 23 -39.98 38.34 -8.19
CA GLU A 23 -40.49 37.20 -8.94
C GLU A 23 -41.10 37.67 -10.25
N THR A 24 -40.67 38.84 -10.71
CA THR A 24 -41.23 39.40 -11.95
C THR A 24 -40.23 39.94 -12.96
N ASP A 25 -38.93 39.74 -12.72
CA ASP A 25 -37.94 40.23 -13.66
C ASP A 25 -36.74 39.30 -13.77
N THR A 26 -36.83 38.36 -14.71
CA THR A 26 -35.78 37.38 -14.92
C THR A 26 -34.38 37.98 -15.15
N SER A 27 -34.31 39.25 -15.50
CA SER A 27 -33.01 39.86 -15.74
C SER A 27 -32.28 40.08 -14.43
N VAL A 28 -33.03 40.21 -13.34
CA VAL A 28 -32.42 40.39 -12.03
C VAL A 28 -32.39 39.06 -11.28
N VAL A 29 -33.52 38.36 -11.26
CA VAL A 29 -33.62 37.05 -10.63
C VAL A 29 -34.12 36.13 -11.74
N PRO A 30 -33.19 35.39 -12.37
CA PRO A 30 -33.54 34.47 -13.47
C PRO A 30 -34.48 33.34 -13.08
N PHE A 31 -34.36 32.81 -11.86
CA PHE A 31 -35.21 31.70 -11.43
C PHE A 31 -35.72 31.88 -10.00
N PRO A 32 -36.75 32.72 -9.81
CA PRO A 32 -37.32 32.97 -8.49
C PRO A 32 -38.09 31.74 -8.01
N VAL A 33 -38.31 31.66 -6.69
CA VAL A 33 -39.00 30.52 -6.11
C VAL A 33 -40.36 30.21 -6.74
N SER A 34 -41.05 31.26 -7.23
CA SER A 34 -42.34 31.08 -7.85
C SER A 34 -42.25 30.07 -9.00
N ASN A 35 -41.07 29.92 -9.60
CA ASN A 35 -40.91 28.96 -10.69
C ASN A 35 -41.12 27.52 -10.21
N ILE A 36 -40.96 27.30 -8.91
CA ILE A 36 -41.15 25.97 -8.33
C ILE A 36 -42.62 25.83 -7.99
N THR A 37 -43.37 25.21 -8.89
CA THR A 37 -44.80 25.03 -8.72
C THR A 37 -45.10 23.87 -7.79
N PRO A 38 -46.39 23.68 -7.43
CA PRO A 38 -46.75 22.56 -6.54
C PRO A 38 -46.37 21.24 -7.16
N ALA A 39 -46.49 21.18 -8.47
CA ALA A 39 -46.17 19.97 -9.21
C ALA A 39 -44.70 19.63 -9.03
N LYS A 40 -43.84 20.62 -9.25
CA LYS A 40 -42.42 20.41 -9.12
C LYS A 40 -42.02 20.17 -7.67
N ALA A 41 -42.66 20.89 -6.75
CA ALA A 41 -42.36 20.73 -5.34
C ALA A 41 -42.59 19.27 -4.94
N LYS A 42 -43.56 18.65 -5.60
CA LYS A 42 -43.89 17.25 -5.33
C LYS A 42 -42.86 16.29 -5.91
N GLN A 43 -42.14 16.74 -6.93
CA GLN A 43 -41.14 15.90 -7.58
C GLN A 43 -39.80 15.84 -6.83
N LEU A 44 -39.56 16.83 -5.98
CA LEU A 44 -38.35 16.91 -5.19
C LEU A 44 -38.56 16.29 -3.81
N THR A 45 -37.47 15.85 -3.18
CA THR A 45 -37.55 15.34 -1.82
C THR A 45 -36.77 16.32 -0.94
N HIS A 46 -35.78 16.98 -1.54
CA HIS A 46 -34.96 17.96 -0.81
C HIS A 46 -34.55 19.14 -1.72
N ILE A 47 -34.51 20.35 -1.13
CA ILE A 47 -34.00 21.51 -1.86
C ILE A 47 -32.85 22.07 -1.03
N ASN A 48 -31.65 22.04 -1.58
CA ASN A 48 -30.50 22.56 -0.88
C ASN A 48 -30.25 24.03 -1.15
N PHE A 49 -30.71 24.89 -0.25
CA PHE A 49 -30.50 26.33 -0.40
C PHE A 49 -28.98 26.56 -0.28
N SER A 50 -28.40 27.27 -1.25
CA SER A 50 -26.95 27.51 -1.29
C SER A 50 -26.61 28.97 -1.63
N PHE A 51 -25.53 29.52 -1.08
CA PHE A 51 -24.64 28.90 -0.11
C PHE A 51 -24.49 29.80 1.10
N LEU A 52 -24.24 29.20 2.27
CA LEU A 52 -23.97 29.96 3.47
C LEU A 52 -22.48 29.73 3.71
N ASP A 53 -21.94 30.38 4.73
CA ASP A 53 -20.52 30.27 4.99
C ASP A 53 -20.22 30.01 6.46
N ILE A 54 -18.94 30.04 6.78
CA ILE A 54 -18.42 29.91 8.14
C ILE A 54 -17.58 31.19 8.27
N ASN A 55 -17.89 32.03 9.25
CA ASN A 55 -17.13 33.29 9.42
C ASN A 55 -15.89 33.14 10.27
N SER A 56 -15.18 34.25 10.45
CA SER A 56 -13.96 34.25 11.23
C SER A 56 -14.23 33.92 12.70
N ASN A 57 -15.48 34.04 13.15
CA ASN A 57 -15.81 33.68 14.51
C ASN A 57 -16.09 32.17 14.58
N LEU A 58 -15.74 31.47 13.49
CA LEU A 58 -15.91 30.02 13.34
C LEU A 58 -17.32 29.48 13.57
N GLU A 59 -18.29 30.26 13.13
CA GLU A 59 -19.69 29.91 13.23
C GLU A 59 -20.31 29.96 11.84
N CYS A 60 -21.41 29.22 11.70
CA CYS A 60 -22.14 29.21 10.45
C CYS A 60 -22.80 30.57 10.30
N ALA A 61 -22.82 31.11 9.09
CA ALA A 61 -23.42 32.43 8.88
C ALA A 61 -23.67 32.76 7.42
N TRP A 62 -24.57 33.71 7.18
CA TRP A 62 -24.87 34.15 5.82
C TRP A 62 -23.70 35.01 5.33
N ASP A 63 -23.58 35.18 4.01
CA ASP A 63 -22.52 36.03 3.48
C ASP A 63 -22.69 37.40 4.13
N PRO A 64 -21.60 38.07 4.51
CA PRO A 64 -21.69 39.40 5.15
C PRO A 64 -22.51 40.44 4.38
N ALA A 65 -22.49 40.33 3.06
CA ALA A 65 -23.23 41.28 2.22
C ALA A 65 -24.71 40.96 2.08
N THR A 66 -25.16 39.90 2.74
CA THR A 66 -26.57 39.49 2.64
C THR A 66 -27.56 40.34 3.45
N ASN A 67 -28.66 40.70 2.80
CA ASN A 67 -29.73 41.47 3.45
C ASN A 67 -30.56 40.41 4.15
N ASP A 68 -30.38 40.31 5.47
CA ASP A 68 -31.09 39.32 6.25
C ASP A 68 -32.61 39.29 6.07
N ALA A 69 -33.23 40.47 5.93
CA ALA A 69 -34.69 40.50 5.76
C ALA A 69 -35.10 39.81 4.46
N LYS A 70 -34.38 40.13 3.38
CA LYS A 70 -34.68 39.53 2.09
C LYS A 70 -34.42 38.02 2.17
N ALA A 71 -33.29 37.67 2.77
CA ALA A 71 -32.89 36.27 2.91
C ALA A 71 -34.01 35.48 3.59
N ARG A 72 -34.52 35.99 4.71
CA ARG A 72 -35.59 35.30 5.44
C ARG A 72 -36.81 35.12 4.56
N ASP A 73 -37.12 36.13 3.77
CA ASP A 73 -38.29 36.06 2.90
C ASP A 73 -38.13 35.03 1.80
N VAL A 74 -36.94 34.93 1.24
CA VAL A 74 -36.71 33.93 0.18
C VAL A 74 -36.82 32.55 0.81
N VAL A 75 -36.14 32.35 1.93
CA VAL A 75 -36.22 31.05 2.58
C VAL A 75 -37.64 30.69 2.91
N ASN A 76 -38.41 31.68 3.39
CA ASN A 76 -39.80 31.43 3.74
C ASN A 76 -40.62 30.98 2.53
N ARG A 77 -40.31 31.54 1.35
CA ARG A 77 -41.03 31.15 0.14
C ARG A 77 -40.69 29.68 -0.14
N LEU A 78 -39.44 29.30 0.08
CA LEU A 78 -39.08 27.91 -0.16
C LEU A 78 -39.80 26.99 0.83
N THR A 79 -39.72 27.28 2.12
CA THR A 79 -40.37 26.40 3.09
C THR A 79 -41.88 26.36 2.88
N ALA A 80 -42.41 27.41 2.27
CA ALA A 80 -43.82 27.48 1.97
C ALA A 80 -44.21 26.32 1.06
N LEU A 81 -43.25 25.83 0.28
CA LEU A 81 -43.50 24.73 -0.64
C LEU A 81 -43.84 23.44 0.06
N LYS A 82 -43.52 23.34 1.34
CA LYS A 82 -43.80 22.12 2.08
C LYS A 82 -45.29 21.84 2.21
N ALA A 83 -46.12 22.85 1.95
CA ALA A 83 -47.55 22.67 2.02
C ALA A 83 -47.99 21.69 0.93
N HIS A 84 -47.30 21.74 -0.21
CA HIS A 84 -47.61 20.89 -1.35
C HIS A 84 -46.96 19.52 -1.33
N ASN A 85 -45.96 19.34 -0.45
CA ASN A 85 -45.24 18.07 -0.35
C ASN A 85 -44.80 17.85 1.08
N PRO A 86 -45.57 17.06 1.83
CA PRO A 86 -45.29 16.75 3.24
C PRO A 86 -43.92 16.11 3.50
N SER A 87 -43.33 15.54 2.46
CA SER A 87 -42.02 14.90 2.57
C SER A 87 -40.88 15.84 2.21
N LEU A 88 -41.20 17.03 1.69
CA LEU A 88 -40.17 17.94 1.26
C LEU A 88 -39.36 18.57 2.38
N ARG A 89 -38.04 18.64 2.19
CA ARG A 89 -37.15 19.25 3.18
C ARG A 89 -36.40 20.37 2.51
N ILE A 90 -36.33 21.51 3.18
CA ILE A 90 -35.55 22.61 2.66
C ILE A 90 -34.24 22.64 3.49
N MET A 91 -33.15 22.12 2.94
CA MET A 91 -31.89 22.11 3.63
C MET A 91 -31.13 23.40 3.32
N PHE A 92 -30.05 23.66 4.04
CA PHE A 92 -29.19 24.79 3.70
C PHE A 92 -27.77 24.23 3.57
N SER A 93 -27.03 24.74 2.59
CA SER A 93 -25.66 24.29 2.33
C SER A 93 -24.63 25.34 2.75
N ILE A 94 -23.60 24.88 3.46
CA ILE A 94 -22.52 25.73 3.93
C ILE A 94 -21.28 25.44 3.10
N GLY A 95 -20.70 26.45 2.48
CA GLY A 95 -19.51 26.20 1.71
C GLY A 95 -19.57 26.57 0.24
N GLY A 96 -19.28 25.60 -0.62
CA GLY A 96 -19.26 25.91 -2.03
C GLY A 96 -17.81 26.18 -2.40
N TRP A 97 -17.56 26.41 -3.68
CA TRP A 97 -16.20 26.64 -4.15
C TRP A 97 -15.58 27.96 -3.70
N TYR A 98 -16.25 29.05 -4.01
CA TYR A 98 -15.77 30.38 -3.66
C TYR A 98 -15.38 30.51 -2.17
N TYR A 99 -16.20 29.99 -1.27
CA TYR A 99 -15.87 30.12 0.14
C TYR A 99 -14.85 29.18 0.69
N SER A 100 -15.00 27.91 0.33
CA SER A 100 -14.19 26.85 0.90
C SER A 100 -13.02 26.17 0.16
N ASN A 101 -12.80 26.48 -1.11
CA ASN A 101 -11.69 25.80 -1.78
C ASN A 101 -10.38 26.28 -1.14
N ASP A 102 -9.32 25.48 -1.25
CA ASP A 102 -8.01 25.80 -0.69
C ASP A 102 -7.63 27.27 -0.77
N LEU A 103 -7.90 27.89 -1.91
CA LEU A 103 -7.56 29.29 -2.11
C LEU A 103 -8.78 30.19 -2.07
N GLY A 104 -9.86 29.69 -1.47
CA GLY A 104 -11.08 30.46 -1.38
C GLY A 104 -11.03 31.46 -0.26
N VAL A 105 -11.95 32.42 -0.30
CA VAL A 105 -12.01 33.48 0.69
C VAL A 105 -12.17 33.11 2.17
N SER A 106 -12.80 31.99 2.51
CA SER A 106 -12.97 31.65 3.92
C SER A 106 -12.33 30.34 4.30
N HIS A 107 -11.47 29.83 3.44
CA HIS A 107 -10.88 28.54 3.69
C HIS A 107 -10.38 28.30 5.11
N ALA A 108 -9.71 29.29 5.69
CA ALA A 108 -9.17 29.18 7.03
C ALA A 108 -10.22 28.86 8.09
N ASN A 109 -11.36 29.53 8.00
CA ASN A 109 -12.46 29.35 8.94
C ASN A 109 -12.89 27.89 9.02
N TYR A 110 -12.85 27.21 7.87
CA TYR A 110 -13.25 25.81 7.81
C TYR A 110 -12.23 24.98 8.55
N VAL A 111 -10.97 25.21 8.23
CA VAL A 111 -9.86 24.50 8.86
C VAL A 111 -9.86 24.71 10.39
N ASN A 112 -10.09 25.95 10.79
CA ASN A 112 -10.12 26.34 12.19
C ASN A 112 -11.35 25.83 12.93
N ALA A 113 -12.52 25.98 12.31
CA ALA A 113 -13.78 25.58 12.96
C ALA A 113 -13.82 24.12 13.42
N VAL A 114 -13.10 23.24 12.74
CA VAL A 114 -13.08 21.83 13.10
C VAL A 114 -11.86 21.43 13.92
N LYS A 115 -10.98 22.39 14.16
CA LYS A 115 -9.74 22.13 14.89
C LYS A 115 -9.84 21.56 16.30
N THR A 116 -10.64 22.16 17.17
CA THR A 116 -10.73 21.67 18.53
C THR A 116 -12.11 21.26 19.02
N PRO A 117 -12.14 20.52 20.13
CA PRO A 117 -13.42 20.08 20.69
C PRO A 117 -14.30 21.29 20.92
N ALA A 118 -13.68 22.39 21.36
CA ALA A 118 -14.42 23.62 21.63
C ALA A 118 -14.87 24.33 20.35
N SER A 119 -14.01 24.40 19.34
CA SER A 119 -14.40 25.06 18.10
C SER A 119 -15.52 24.23 17.47
N ARG A 120 -15.36 22.91 17.47
CA ARG A 120 -16.36 22.05 16.88
C ARG A 120 -17.73 22.19 17.56
N THR A 121 -17.74 22.34 18.89
CA THR A 121 -19.02 22.49 19.59
C THR A 121 -19.68 23.81 19.25
N LYS A 122 -18.90 24.89 19.23
CA LYS A 122 -19.45 26.20 18.90
C LYS A 122 -19.99 26.19 17.48
N PHE A 123 -19.23 25.61 16.56
CA PHE A 123 -19.67 25.55 15.18
C PHE A 123 -20.93 24.68 15.03
N ALA A 124 -20.93 23.52 15.67
CA ALA A 124 -22.08 22.63 15.57
C ALA A 124 -23.31 23.36 16.09
N GLN A 125 -23.16 24.06 17.21
CA GLN A 125 -24.30 24.79 17.79
C GLN A 125 -24.81 25.83 16.82
N SER A 126 -23.90 26.53 16.14
CA SER A 126 -24.29 27.58 15.21
C SER A 126 -25.09 27.05 14.02
N CYS A 127 -24.75 25.84 13.57
CA CYS A 127 -25.46 25.24 12.43
C CYS A 127 -26.91 24.98 12.82
N VAL A 128 -27.09 24.34 13.98
CA VAL A 128 -28.43 24.05 14.46
C VAL A 128 -29.19 25.33 14.72
N ARG A 129 -28.50 26.33 15.26
CA ARG A 129 -29.13 27.62 15.53
C ARG A 129 -29.62 28.28 14.24
N ILE A 130 -28.76 28.30 13.22
CA ILE A 130 -29.14 28.89 11.92
C ILE A 130 -30.37 28.13 11.40
N MET A 131 -30.27 26.81 11.44
CA MET A 131 -31.35 25.95 10.94
C MET A 131 -32.72 26.30 11.55
N LYS A 132 -32.77 26.41 12.87
CA LYS A 132 -34.01 26.72 13.57
C LYS A 132 -34.47 28.16 13.41
N ASP A 133 -33.52 29.09 13.40
CA ASP A 133 -33.87 30.49 13.27
C ASP A 133 -34.45 30.82 11.91
N TYR A 134 -33.97 30.15 10.84
CA TYR A 134 -34.50 30.45 9.52
C TYR A 134 -35.52 29.47 9.03
N GLY A 135 -35.73 28.40 9.79
CA GLY A 135 -36.73 27.43 9.39
C GLY A 135 -36.31 26.31 8.46
N PHE A 136 -35.00 26.04 8.36
CA PHE A 136 -34.50 24.96 7.49
C PHE A 136 -34.76 23.59 8.11
N ASP A 137 -34.65 22.54 7.31
CA ASP A 137 -34.94 21.17 7.73
C ASP A 137 -33.72 20.28 7.91
N GLY A 138 -32.54 20.85 7.73
CA GLY A 138 -31.34 20.06 7.88
C GLY A 138 -30.12 20.86 7.43
N VAL A 139 -28.97 20.22 7.57
CA VAL A 139 -27.70 20.85 7.26
C VAL A 139 -26.91 20.11 6.20
N ASP A 140 -26.42 20.86 5.21
CA ASP A 140 -25.58 20.25 4.19
C ASP A 140 -24.23 20.98 4.23
N ILE A 141 -23.13 20.22 4.25
CA ILE A 141 -21.81 20.82 4.31
C ILE A 141 -21.09 20.58 2.99
N ASP A 142 -20.74 21.68 2.33
CA ASP A 142 -20.06 21.59 1.03
C ASP A 142 -18.66 22.19 1.06
N TRP A 143 -17.79 21.58 1.88
CA TRP A 143 -16.41 22.00 1.97
C TRP A 143 -15.68 21.31 0.81
N GLU A 144 -15.07 22.10 -0.06
CA GLU A 144 -14.37 21.51 -1.20
C GLU A 144 -12.88 21.79 -1.17
N TYR A 145 -12.08 20.99 -0.47
CA TYR A 145 -12.48 19.80 0.28
C TYR A 145 -11.50 19.65 1.46
N PRO A 146 -11.94 19.07 2.57
CA PRO A 146 -11.00 18.91 3.70
C PRO A 146 -9.84 18.01 3.29
N GLN A 147 -8.65 18.30 3.82
CA GLN A 147 -7.47 17.52 3.49
C GLN A 147 -7.18 16.52 4.59
N ALA A 148 -6.30 15.57 4.30
CA ALA A 148 -5.96 14.49 5.22
C ALA A 148 -5.83 14.88 6.70
N ALA A 149 -5.10 15.94 7.00
CA ALA A 149 -4.89 16.36 8.38
C ALA A 149 -6.10 17.05 9.03
N GLU A 150 -7.10 17.40 8.22
CA GLU A 150 -8.29 18.08 8.73
C GLU A 150 -9.45 17.09 8.85
N VAL A 151 -9.28 15.93 8.22
CA VAL A 151 -10.33 14.92 8.18
C VAL A 151 -10.82 14.45 9.54
N ASP A 152 -9.92 14.16 10.48
CA ASP A 152 -10.37 13.71 11.79
C ASP A 152 -11.19 14.80 12.45
N GLY A 153 -10.77 16.05 12.30
CA GLY A 153 -11.53 17.15 12.88
C GLY A 153 -12.89 17.32 12.20
N PHE A 154 -12.90 17.18 10.89
CA PHE A 154 -14.12 17.29 10.08
C PHE A 154 -15.11 16.22 10.55
N ILE A 155 -14.62 14.99 10.68
CA ILE A 155 -15.43 13.88 11.13
C ILE A 155 -16.04 14.15 12.50
N ALA A 156 -15.24 14.71 13.40
CA ALA A 156 -15.72 14.99 14.75
C ALA A 156 -16.78 16.08 14.73
N ALA A 157 -16.65 17.05 13.83
CA ALA A 157 -17.65 18.11 13.75
C ALA A 157 -19.00 17.53 13.25
N LEU A 158 -18.95 16.66 12.25
CA LEU A 158 -20.16 16.03 11.72
C LEU A 158 -20.87 15.22 12.81
N GLN A 159 -20.08 14.48 13.59
CA GLN A 159 -20.63 13.67 14.67
C GLN A 159 -21.32 14.57 15.69
N GLU A 160 -20.73 15.75 15.92
CA GLU A 160 -21.30 16.68 16.89
C GLU A 160 -22.62 17.22 16.38
N ILE A 161 -22.63 17.60 15.11
CA ILE A 161 -23.85 18.12 14.50
C ILE A 161 -24.94 17.05 14.55
N ARG A 162 -24.58 15.82 14.21
CA ARG A 162 -25.54 14.71 14.26
C ARG A 162 -26.16 14.62 15.68
N THR A 163 -25.31 14.68 16.71
CA THR A 163 -25.80 14.62 18.09
C THR A 163 -26.82 15.73 18.36
N LEU A 164 -26.51 16.95 17.91
CA LEU A 164 -27.42 18.06 18.13
C LEU A 164 -28.72 17.99 17.33
N LEU A 165 -28.62 17.57 16.06
CA LEU A 165 -29.82 17.47 15.22
C LEU A 165 -30.74 16.41 15.80
N ASN A 166 -30.18 15.29 16.22
CA ASN A 166 -30.98 14.21 16.77
C ASN A 166 -31.73 14.70 18.01
N GLN A 167 -31.05 15.45 18.86
CA GLN A 167 -31.71 15.99 20.04
C GLN A 167 -32.80 16.97 19.60
N GLN A 168 -32.47 17.83 18.66
CA GLN A 168 -33.45 18.81 18.19
C GLN A 168 -34.68 18.14 17.59
N THR A 169 -34.47 17.05 16.85
CA THR A 169 -35.56 16.34 16.25
C THR A 169 -36.57 15.86 17.30
N ILE A 170 -36.06 15.34 18.41
CA ILE A 170 -36.93 14.86 19.48
C ILE A 170 -37.63 16.03 20.16
N THR A 171 -36.85 17.07 20.45
CA THR A 171 -37.38 18.26 21.10
C THR A 171 -38.46 18.93 20.28
N ASP A 172 -38.40 18.79 18.95
CA ASP A 172 -39.40 19.41 18.09
C ASP A 172 -40.45 18.43 17.60
N GLY A 173 -40.41 17.19 18.10
CA GLY A 173 -41.38 16.19 17.67
C GLY A 173 -41.40 15.94 16.17
N ARG A 174 -40.19 15.93 15.58
CA ARG A 174 -40.00 15.75 14.15
C ARG A 174 -39.72 14.32 13.70
N GLN A 175 -40.20 13.35 14.48
CA GLN A 175 -39.99 11.95 14.16
C GLN A 175 -40.40 11.60 12.74
N ALA A 176 -41.46 12.23 12.24
CA ALA A 176 -41.95 11.96 10.89
C ALA A 176 -41.07 12.56 9.78
N LEU A 177 -40.26 13.55 10.12
CA LEU A 177 -39.38 14.19 9.13
C LEU A 177 -38.22 14.70 9.97
N PRO A 178 -37.35 13.79 10.38
CA PRO A 178 -36.20 14.16 11.21
C PRO A 178 -35.24 15.12 10.49
N TYR A 179 -34.60 15.99 11.27
CA TYR A 179 -33.61 16.93 10.78
C TYR A 179 -32.48 16.07 10.20
N GLN A 180 -31.96 16.46 9.05
CA GLN A 180 -30.90 15.67 8.43
C GLN A 180 -29.56 16.38 8.30
N LEU A 181 -28.53 15.57 8.04
CA LEU A 181 -27.15 16.02 7.86
C LEU A 181 -26.61 15.29 6.63
N THR A 182 -26.05 16.05 5.71
CA THR A 182 -25.48 15.51 4.48
C THR A 182 -24.28 16.39 4.12
N ILE A 183 -23.47 15.92 3.17
CA ILE A 183 -22.34 16.70 2.66
C ILE A 183 -22.25 16.46 1.15
N ALA A 184 -21.64 17.40 0.44
CA ALA A 184 -21.46 17.21 -1.00
C ALA A 184 -20.08 16.58 -1.08
N GLY A 185 -19.98 15.41 -1.68
CA GLY A 185 -18.69 14.75 -1.77
C GLY A 185 -18.11 14.85 -3.17
N ALA A 186 -16.79 14.74 -3.27
CA ALA A 186 -16.10 14.79 -4.55
C ALA A 186 -16.54 13.63 -5.41
N GLY A 187 -16.73 13.89 -6.69
CA GLY A 187 -17.13 12.82 -7.59
C GLY A 187 -16.00 12.37 -8.50
N GLY A 188 -14.79 12.84 -8.18
CA GLY A 188 -13.57 12.50 -8.93
C GLY A 188 -12.42 12.08 -8.00
N ALA A 189 -11.69 11.03 -8.39
CA ALA A 189 -10.57 10.49 -7.60
C ALA A 189 -9.53 11.47 -7.05
N PHE A 190 -9.18 12.51 -7.82
CA PHE A 190 -8.20 13.45 -7.35
C PHE A 190 -8.59 14.18 -6.09
N PHE A 191 -9.75 14.81 -6.06
CA PHE A 191 -10.17 15.49 -4.85
C PHE A 191 -10.59 14.46 -3.78
N LEU A 192 -11.16 13.35 -4.22
CA LEU A 192 -11.62 12.30 -3.30
C LEU A 192 -10.45 11.70 -2.53
N SER A 193 -9.28 11.69 -3.16
CA SER A 193 -8.08 11.13 -2.50
C SER A 193 -7.78 11.83 -1.18
N ARG A 194 -8.21 13.07 -1.03
CA ARG A 194 -7.95 13.82 0.21
C ARG A 194 -8.50 13.23 1.51
N TYR A 195 -9.64 12.56 1.44
CA TYR A 195 -10.30 12.03 2.64
C TYR A 195 -10.84 10.62 2.49
N TYR A 196 -10.59 10.06 1.31
CA TYR A 196 -11.06 8.75 0.96
C TYR A 196 -10.80 7.67 2.00
N SER A 197 -9.63 7.70 2.62
CA SER A 197 -9.29 6.69 3.61
C SER A 197 -10.24 6.64 4.81
N LYS A 198 -10.86 7.76 5.15
CA LYS A 198 -11.76 7.79 6.28
C LYS A 198 -13.24 7.89 5.88
N LEU A 199 -13.55 7.40 4.69
CA LEU A 199 -14.91 7.45 4.18
C LEU A 199 -15.97 6.89 5.12
N ALA A 200 -15.72 5.70 5.67
CA ALA A 200 -16.69 5.08 6.55
C ALA A 200 -17.05 5.99 7.72
N GLN A 201 -16.04 6.65 8.29
CA GLN A 201 -16.27 7.53 9.42
C GLN A 201 -16.96 8.81 9.01
N ILE A 202 -16.66 9.28 7.80
CA ILE A 202 -17.30 10.50 7.32
C ILE A 202 -18.80 10.31 7.10
N VAL A 203 -19.17 9.19 6.51
CA VAL A 203 -20.57 8.89 6.20
C VAL A 203 -21.45 8.40 7.37
N ALA A 204 -20.83 7.82 8.40
CA ALA A 204 -21.59 7.33 9.54
C ALA A 204 -22.62 8.36 10.06
N PRO A 205 -22.19 9.61 10.38
CA PRO A 205 -23.16 10.59 10.88
C PRO A 205 -24.10 11.22 9.85
N LEU A 206 -23.98 10.81 8.59
CA LEU A 206 -24.80 11.40 7.54
C LEU A 206 -26.02 10.59 7.16
N ASP A 207 -26.99 11.29 6.59
CA ASP A 207 -28.17 10.68 6.04
C ASP A 207 -27.78 10.34 4.61
N TYR A 208 -26.99 11.23 3.98
CA TYR A 208 -26.56 11.02 2.60
C TYR A 208 -25.23 11.72 2.28
N ILE A 209 -24.44 11.11 1.39
CA ILE A 209 -23.25 11.76 0.88
C ILE A 209 -23.66 11.97 -0.59
N ASN A 210 -23.74 13.24 -0.98
CA ASN A 210 -24.14 13.60 -2.35
C ASN A 210 -22.89 13.74 -3.22
N LEU A 211 -22.65 12.76 -4.08
CA LEU A 211 -21.46 12.78 -4.92
C LEU A 211 -21.57 13.78 -6.05
N MET A 212 -20.56 14.63 -6.20
CA MET A 212 -20.54 15.62 -7.26
C MET A 212 -20.01 14.90 -8.49
N THR A 213 -20.79 13.95 -8.98
CA THR A 213 -20.38 13.18 -10.14
C THR A 213 -20.61 13.90 -11.45
N TYR A 214 -19.95 15.06 -11.56
CA TYR A 214 -19.96 15.89 -12.76
C TYR A 214 -18.69 16.76 -12.70
N ASP A 215 -18.49 17.60 -13.71
CA ASP A 215 -17.28 18.41 -13.80
C ASP A 215 -16.09 17.45 -13.90
N LEU A 216 -16.32 16.26 -14.45
CA LEU A 216 -15.24 15.30 -14.58
C LEU A 216 -14.44 15.65 -15.84
N ALA A 217 -14.76 16.81 -16.40
CA ALA A 217 -14.08 17.39 -17.56
C ALA A 217 -14.29 18.89 -17.40
N GLY A 218 -13.29 19.70 -17.75
CA GLY A 218 -13.43 21.14 -17.60
C GLY A 218 -12.40 21.88 -18.43
N PRO A 219 -12.40 23.22 -18.42
CA PRO A 219 -11.42 23.96 -19.23
C PRO A 219 -9.96 23.76 -18.78
N TRP A 220 -9.78 23.17 -17.60
CA TRP A 220 -8.47 22.92 -17.04
C TRP A 220 -7.88 21.63 -17.61
N GLU A 221 -8.70 20.88 -18.31
CA GLU A 221 -8.24 19.62 -18.87
C GLU A 221 -7.59 19.79 -20.23
N LYS A 222 -6.69 18.88 -20.55
CA LYS A 222 -5.94 18.88 -21.80
C LYS A 222 -6.85 18.72 -23.02
N VAL A 223 -7.73 17.72 -22.99
CA VAL A 223 -8.62 17.49 -24.10
C VAL A 223 -10.09 17.53 -23.66
N THR A 224 -10.95 18.01 -24.56
CA THR A 224 -12.38 18.07 -24.28
C THR A 224 -12.85 16.66 -23.94
N ASN A 225 -13.84 16.55 -23.06
CA ASN A 225 -14.35 15.23 -22.67
C ASN A 225 -15.75 15.38 -22.07
N HIS A 226 -16.44 14.27 -21.88
CA HIS A 226 -17.77 14.30 -21.28
C HIS A 226 -17.60 14.57 -19.78
N GLN A 227 -18.36 15.53 -19.27
CA GLN A 227 -18.22 15.90 -17.86
C GLN A 227 -18.94 14.99 -16.86
N ALA A 228 -19.73 14.06 -17.37
CA ALA A 228 -20.44 13.15 -16.49
C ALA A 228 -20.81 11.85 -17.18
N ALA A 229 -19.86 11.25 -17.89
CA ALA A 229 -20.08 10.00 -18.60
C ALA A 229 -20.46 8.95 -17.56
N LEU A 230 -21.49 8.16 -17.86
CA LEU A 230 -21.90 7.12 -16.90
C LEU A 230 -20.82 6.06 -16.92
N PHE A 231 -20.49 5.58 -18.12
CA PHE A 231 -19.46 4.56 -18.32
C PHE A 231 -18.34 5.06 -19.19
N GLY A 232 -17.23 4.30 -19.23
CA GLY A 232 -16.07 4.72 -20.00
C GLY A 232 -16.06 4.47 -21.50
N ASP A 233 -15.46 5.40 -22.22
CA ASP A 233 -15.30 5.31 -23.67
C ASP A 233 -13.81 5.09 -23.94
N ALA A 234 -13.45 3.87 -24.30
CA ALA A 234 -12.05 3.52 -24.57
C ALA A 234 -11.32 4.51 -25.48
N ALA A 235 -12.05 5.33 -26.21
CA ALA A 235 -11.42 6.31 -27.10
C ALA A 235 -11.19 7.64 -26.40
N GLY A 236 -11.76 7.80 -25.21
CA GLY A 236 -11.58 9.04 -24.49
C GLY A 236 -10.33 9.02 -23.63
N PRO A 237 -9.93 10.17 -23.06
CA PRO A 237 -8.72 10.20 -22.23
C PRO A 237 -8.85 9.34 -20.96
N THR A 238 -7.71 8.96 -20.40
CA THR A 238 -7.72 8.17 -19.19
C THR A 238 -6.94 8.98 -18.16
N PHE A 239 -7.08 8.61 -16.90
CA PHE A 239 -6.44 9.35 -15.83
C PHE A 239 -5.73 8.51 -14.80
N TYR A 240 -4.82 9.16 -14.08
CA TYR A 240 -4.04 8.53 -13.03
C TYR A 240 -5.01 8.28 -11.88
N ASN A 241 -5.00 7.06 -11.36
CA ASN A 241 -5.90 6.72 -10.27
C ASN A 241 -5.35 7.19 -8.93
N ALA A 242 -5.65 8.44 -8.60
CA ALA A 242 -5.17 9.05 -7.38
C ALA A 242 -5.46 8.29 -6.09
N LEU A 243 -6.44 7.40 -6.10
CA LEU A 243 -6.79 6.70 -4.86
C LEU A 243 -5.74 5.67 -4.44
N ARG A 244 -4.92 5.19 -5.37
CA ARG A 244 -3.90 4.24 -5.00
C ARG A 244 -2.86 4.95 -4.11
N GLU A 245 -2.95 6.28 -4.04
CA GLU A 245 -2.05 7.07 -3.20
C GLU A 245 -2.70 7.56 -1.89
N ALA A 246 -3.96 7.19 -1.66
CA ALA A 246 -4.62 7.62 -0.42
C ALA A 246 -3.95 6.88 0.74
N ASN A 247 -4.03 7.43 1.95
CA ASN A 247 -3.42 6.82 3.13
C ASN A 247 -4.28 5.67 3.63
N LEU A 248 -4.35 4.60 2.85
CA LEU A 248 -5.17 3.46 3.19
C LEU A 248 -4.47 2.39 4.01
N GLY A 249 -3.18 2.24 3.77
CA GLY A 249 -2.42 1.23 4.49
C GLY A 249 -2.61 -0.14 3.88
N TRP A 250 -2.98 -0.20 2.60
CA TRP A 250 -3.19 -1.50 1.95
C TRP A 250 -1.89 -1.96 1.29
N SER A 251 -1.80 -3.26 1.01
CA SER A 251 -0.62 -3.82 0.36
C SER A 251 -0.69 -3.41 -1.10
N TRP A 252 0.42 -3.61 -1.80
CA TRP A 252 0.50 -3.28 -3.23
C TRP A 252 -0.58 -4.06 -3.97
N GLU A 253 -0.73 -5.32 -3.61
CA GLU A 253 -1.74 -6.18 -4.22
C GLU A 253 -3.12 -5.54 -4.04
N GLU A 254 -3.43 -5.17 -2.80
CA GLU A 254 -4.73 -4.59 -2.48
C GLU A 254 -4.98 -3.31 -3.23
N LEU A 255 -4.03 -2.39 -3.14
CA LEU A 255 -4.15 -1.12 -3.83
C LEU A 255 -4.36 -1.33 -5.32
N THR A 256 -3.59 -2.26 -5.88
CA THR A 256 -3.65 -2.52 -7.30
C THR A 256 -4.98 -3.06 -7.81
N ARG A 257 -5.59 -4.02 -7.10
CA ARG A 257 -6.86 -4.56 -7.60
C ARG A 257 -8.03 -3.59 -7.42
N ALA A 258 -7.93 -2.68 -6.47
CA ALA A 258 -8.99 -1.70 -6.23
C ALA A 258 -8.87 -0.45 -7.10
N PHE A 259 -7.65 -0.05 -7.44
CA PHE A 259 -7.45 1.17 -8.20
C PHE A 259 -6.70 1.08 -9.52
N PRO A 260 -7.31 0.46 -10.54
CA PRO A 260 -6.65 0.35 -11.85
C PRO A 260 -6.21 1.73 -12.30
N SER A 261 -5.04 1.81 -12.93
CA SER A 261 -4.53 3.08 -13.38
C SER A 261 -3.77 2.84 -14.68
N PRO A 262 -4.06 3.63 -15.72
CA PRO A 262 -5.06 4.69 -15.66
C PRO A 262 -6.48 4.13 -15.78
N PHE A 263 -7.47 4.97 -15.54
CA PHE A 263 -8.86 4.53 -15.63
C PHE A 263 -9.70 5.65 -16.24
N SER A 264 -10.95 5.33 -16.58
CA SER A 264 -11.88 6.31 -17.15
C SER A 264 -12.62 7.01 -16.01
N LEU A 265 -12.51 8.33 -16.01
CA LEU A 265 -13.13 9.20 -15.02
C LEU A 265 -14.62 9.27 -15.30
N THR A 266 -15.37 8.39 -14.65
CA THR A 266 -16.81 8.30 -14.84
C THR A 266 -17.64 8.26 -13.56
N VAL A 267 -18.96 8.42 -13.73
CA VAL A 267 -19.91 8.40 -12.60
C VAL A 267 -19.82 7.02 -11.95
N ASP A 268 -19.75 5.99 -12.79
CA ASP A 268 -19.66 4.61 -12.33
C ASP A 268 -18.40 4.42 -11.49
N ALA A 269 -17.29 5.02 -11.94
CA ALA A 269 -16.02 4.92 -11.22
C ALA A 269 -16.20 5.47 -9.81
N ALA A 270 -16.76 6.67 -9.71
CA ALA A 270 -16.97 7.31 -8.42
C ALA A 270 -17.87 6.48 -7.50
N VAL A 271 -18.99 5.99 -8.02
CA VAL A 271 -19.89 5.20 -7.17
C VAL A 271 -19.20 3.96 -6.68
N GLN A 272 -18.60 3.21 -7.61
CA GLN A 272 -17.91 1.99 -7.23
C GLN A 272 -16.77 2.26 -6.21
N GLN A 273 -16.00 3.33 -6.43
CA GLN A 273 -14.92 3.67 -5.51
C GLN A 273 -15.48 3.87 -4.10
N HIS A 274 -16.68 4.43 -3.97
CA HIS A 274 -17.26 4.61 -2.64
C HIS A 274 -17.72 3.26 -2.09
N LEU A 275 -18.34 2.47 -2.95
CA LEU A 275 -18.81 1.15 -2.55
C LEU A 275 -17.69 0.20 -2.13
N MET A 276 -16.49 0.43 -2.67
CA MET A 276 -15.34 -0.42 -2.35
C MET A 276 -14.88 -0.32 -0.91
N MET A 277 -15.26 0.77 -0.26
CA MET A 277 -14.88 0.99 1.11
C MET A 277 -15.84 0.33 2.08
N GLU A 278 -15.30 -0.44 3.01
CA GLU A 278 -16.14 -1.11 3.98
C GLU A 278 -16.76 -0.08 4.90
N GLY A 279 -18.03 -0.28 5.24
CA GLY A 279 -18.70 0.66 6.12
C GLY A 279 -19.42 1.79 5.40
N VAL A 280 -19.41 1.79 4.07
CA VAL A 280 -20.11 2.84 3.29
C VAL A 280 -21.30 2.15 2.63
N PRO A 281 -22.50 2.35 3.19
CA PRO A 281 -23.71 1.72 2.65
C PRO A 281 -24.21 2.39 1.35
N SER A 282 -24.63 1.57 0.39
CA SER A 282 -25.09 2.10 -0.90
C SER A 282 -26.29 3.02 -0.72
N ALA A 283 -27.16 2.70 0.24
CA ALA A 283 -28.34 3.54 0.47
C ALA A 283 -28.00 4.99 0.84
N LYS A 284 -26.81 5.25 1.37
CA LYS A 284 -26.47 6.63 1.72
C LYS A 284 -25.81 7.39 0.56
N ILE A 285 -25.49 6.68 -0.51
CA ILE A 285 -24.83 7.28 -1.64
C ILE A 285 -25.86 7.85 -2.60
N VAL A 286 -25.71 9.14 -2.89
CA VAL A 286 -26.62 9.82 -3.80
C VAL A 286 -25.80 10.24 -5.01
N MET A 287 -26.27 9.92 -6.20
CA MET A 287 -25.54 10.28 -7.42
C MET A 287 -25.91 11.65 -7.92
N GLY A 288 -24.95 12.55 -8.01
CA GLY A 288 -25.25 13.86 -8.52
C GLY A 288 -25.28 13.91 -10.05
N VAL A 289 -26.10 14.78 -10.61
CA VAL A 289 -26.15 14.95 -12.08
C VAL A 289 -26.21 16.45 -12.34
N PRO A 290 -25.66 16.91 -13.47
CA PRO A 290 -25.69 18.35 -13.75
C PRO A 290 -26.85 18.81 -14.62
N PHE A 291 -27.32 20.02 -14.35
CA PHE A 291 -28.39 20.61 -15.13
C PHE A 291 -27.78 21.72 -15.98
N TYR A 292 -26.49 21.59 -16.26
CA TYR A 292 -25.78 22.59 -17.05
C TYR A 292 -24.76 21.86 -17.90
N GLY A 293 -24.25 22.55 -18.92
CA GLY A 293 -23.24 21.96 -19.77
C GLY A 293 -21.96 22.76 -19.71
N ARG A 294 -20.85 22.15 -20.07
CA ARG A 294 -19.57 22.86 -20.09
C ARG A 294 -19.14 22.99 -21.55
N ALA A 295 -18.79 24.21 -21.94
CA ALA A 295 -18.40 24.48 -23.33
C ALA A 295 -16.91 24.69 -23.55
N PHE A 296 -16.42 24.12 -24.65
CA PHE A 296 -15.03 24.25 -25.05
C PHE A 296 -15.01 24.90 -26.43
N LYS A 297 -14.00 25.73 -26.69
CA LYS A 297 -13.85 26.38 -28.00
C LYS A 297 -12.54 25.93 -28.64
N GLY A 298 -12.35 26.30 -29.90
CA GLY A 298 -11.15 25.92 -30.60
C GLY A 298 -10.91 24.42 -30.70
N VAL A 299 -11.99 23.64 -30.76
CA VAL A 299 -11.86 22.19 -30.85
C VAL A 299 -11.75 21.73 -32.30
N SER A 300 -11.10 20.59 -32.50
CA SER A 300 -10.93 20.08 -33.85
C SER A 300 -12.11 19.19 -34.21
N GLY A 301 -12.69 19.42 -35.37
CA GLY A 301 -13.79 18.59 -35.79
C GLY A 301 -13.23 17.19 -36.03
N GLY A 302 -14.07 16.25 -36.42
CA GLY A 302 -13.57 14.91 -36.66
C GLY A 302 -14.28 13.82 -35.89
N ASN A 303 -14.69 14.15 -34.67
CA ASN A 303 -15.39 13.16 -33.84
C ASN A 303 -16.41 13.86 -32.96
N GLY A 304 -17.21 14.73 -33.58
CA GLY A 304 -18.21 15.45 -32.83
C GLY A 304 -17.57 16.48 -31.94
N GLY A 305 -16.25 16.48 -31.90
CA GLY A 305 -15.54 17.44 -31.07
C GLY A 305 -15.05 16.80 -29.78
N GLN A 306 -15.32 15.50 -29.61
CA GLN A 306 -14.88 14.77 -28.43
C GLN A 306 -13.39 14.48 -28.46
N TYR A 307 -12.74 14.60 -27.31
CA TYR A 307 -11.33 14.27 -27.16
C TYR A 307 -10.38 15.09 -28.00
N SER A 308 -10.66 16.38 -28.13
CA SER A 308 -9.83 17.24 -28.93
C SER A 308 -9.15 18.30 -28.09
N SER A 309 -8.03 18.78 -28.59
CA SER A 309 -7.32 19.87 -27.91
C SER A 309 -8.26 21.05 -28.09
N HIS A 310 -8.15 22.05 -27.23
CA HIS A 310 -9.03 23.20 -27.31
C HIS A 310 -8.28 24.43 -26.83
N SER A 311 -8.91 25.58 -26.95
CA SER A 311 -8.30 26.82 -26.54
C SER A 311 -9.21 27.51 -25.55
N THR A 312 -9.76 26.75 -24.62
CA THR A 312 -10.65 27.33 -23.64
C THR A 312 -9.85 27.81 -22.42
N PRO A 313 -10.05 29.08 -22.03
CA PRO A 313 -9.33 29.58 -20.86
C PRO A 313 -9.82 28.76 -19.64
N GLY A 314 -8.90 28.02 -19.02
CA GLY A 314 -9.27 27.22 -17.87
C GLY A 314 -9.22 27.98 -16.57
N GLU A 315 -8.74 29.22 -16.64
CA GLU A 315 -8.64 30.05 -15.46
C GLU A 315 -9.99 30.53 -14.98
N ASP A 316 -10.04 30.86 -13.69
CA ASP A 316 -11.25 31.36 -13.07
C ASP A 316 -10.90 32.59 -12.23
N PRO A 317 -11.67 33.68 -12.38
CA PRO A 317 -12.82 33.81 -13.29
C PRO A 317 -12.41 33.81 -14.75
N TYR A 318 -13.40 33.89 -15.64
CA TYR A 318 -13.13 33.92 -17.07
C TYR A 318 -12.39 35.23 -17.33
N PRO A 319 -11.12 35.15 -17.74
CA PRO A 319 -10.23 36.28 -18.02
C PRO A 319 -10.45 36.91 -19.40
N SER A 320 -11.70 37.19 -19.77
CA SER A 320 -11.98 37.78 -21.07
C SER A 320 -13.40 38.35 -21.16
N THR A 321 -13.65 39.10 -22.24
CA THR A 321 -14.96 39.70 -22.49
C THR A 321 -15.46 39.06 -23.78
N ASP A 322 -14.69 38.09 -24.27
CA ASP A 322 -15.02 37.36 -25.48
C ASP A 322 -16.00 36.22 -25.17
N TYR A 323 -17.25 36.40 -25.55
CA TYR A 323 -18.27 35.37 -25.32
C TYR A 323 -18.53 34.59 -26.60
N TRP A 324 -17.73 33.56 -26.80
CA TRP A 324 -17.77 32.72 -27.98
C TRP A 324 -18.85 31.63 -28.05
N LEU A 325 -19.61 31.41 -26.98
CA LEU A 325 -20.65 30.38 -27.03
C LEU A 325 -21.82 31.01 -27.77
N VAL A 326 -21.89 30.70 -29.07
CA VAL A 326 -22.91 31.27 -29.95
C VAL A 326 -24.35 30.98 -29.54
N GLY A 327 -25.13 32.05 -29.43
CA GLY A 327 -26.54 31.92 -29.08
C GLY A 327 -26.83 31.83 -27.60
N CYS A 328 -25.81 31.96 -26.78
CA CYS A 328 -26.00 31.89 -25.34
C CYS A 328 -26.01 33.27 -24.72
N GLU A 329 -27.19 33.84 -24.53
CA GLU A 329 -27.33 35.16 -23.94
C GLU A 329 -26.94 35.08 -22.47
N GLU A 330 -27.27 33.94 -21.86
CA GLU A 330 -26.98 33.67 -20.46
C GLU A 330 -25.48 33.83 -20.19
N CYS A 331 -24.67 33.32 -21.12
CA CYS A 331 -23.22 33.40 -21.04
C CYS A 331 -22.71 34.83 -20.99
N VAL A 332 -23.31 35.70 -21.81
CA VAL A 332 -22.93 37.10 -21.82
C VAL A 332 -23.36 37.71 -20.50
N ARG A 333 -24.60 37.41 -20.10
CA ARG A 333 -25.15 37.91 -18.86
C ARG A 333 -24.24 37.59 -17.68
N ASP A 334 -23.85 36.33 -17.55
CA ASP A 334 -23.01 35.93 -16.44
C ASP A 334 -21.53 36.03 -16.78
N LYS A 335 -21.23 36.57 -17.95
CA LYS A 335 -19.87 36.78 -18.40
C LYS A 335 -18.97 35.54 -18.46
N ASP A 336 -19.48 34.45 -18.99
CA ASP A 336 -18.68 33.24 -19.11
C ASP A 336 -19.31 32.29 -20.12
N PRO A 337 -18.60 32.01 -21.21
CA PRO A 337 -19.08 31.12 -22.27
C PRO A 337 -18.74 29.65 -22.02
N ARG A 338 -18.16 29.36 -20.86
CA ARG A 338 -17.77 27.98 -20.56
C ARG A 338 -18.82 27.10 -19.88
N ILE A 339 -19.87 27.73 -19.35
CA ILE A 339 -20.95 27.01 -18.66
C ILE A 339 -22.28 27.52 -19.17
N ALA A 340 -23.23 26.62 -19.39
CA ALA A 340 -24.57 27.02 -19.84
C ALA A 340 -25.61 26.09 -19.25
N SER A 341 -26.70 26.68 -18.78
CA SER A 341 -27.78 25.90 -18.19
C SER A 341 -28.50 25.07 -19.26
N TYR A 342 -29.11 23.97 -18.83
CA TYR A 342 -29.85 23.13 -19.75
C TYR A 342 -30.91 23.97 -20.45
N ARG A 343 -31.48 24.93 -19.73
CA ARG A 343 -32.50 25.80 -20.27
C ARG A 343 -31.92 26.58 -21.47
N GLN A 344 -30.78 27.21 -21.26
CA GLN A 344 -30.14 27.98 -22.32
C GLN A 344 -29.78 27.09 -23.50
N LEU A 345 -29.16 25.95 -23.21
CA LEU A 345 -28.74 24.99 -24.22
C LEU A 345 -29.89 24.51 -25.10
N GLU A 346 -31.04 24.33 -24.48
CA GLU A 346 -32.20 23.88 -25.21
C GLU A 346 -32.59 24.96 -26.22
N GLN A 347 -32.54 26.21 -25.79
CA GLN A 347 -32.88 27.33 -26.63
C GLN A 347 -31.83 27.50 -27.72
N MET A 348 -30.60 27.09 -27.41
CA MET A 348 -29.53 27.18 -28.38
C MET A 348 -29.79 26.17 -29.49
N LEU A 349 -30.35 25.01 -29.11
CA LEU A 349 -30.66 23.99 -30.10
C LEU A 349 -31.91 24.37 -30.87
N GLN A 350 -32.81 25.08 -30.18
CA GLN A 350 -34.08 25.51 -30.75
C GLN A 350 -33.84 26.49 -31.89
N GLY A 351 -32.82 27.34 -31.74
CA GLY A 351 -32.50 28.33 -32.77
C GLY A 351 -31.70 27.67 -33.88
N ASN A 352 -31.15 28.47 -34.79
CA ASN A 352 -30.38 27.84 -35.85
C ASN A 352 -28.98 27.57 -35.34
N TYR A 353 -28.33 28.65 -34.91
CA TYR A 353 -26.98 28.63 -34.36
C TYR A 353 -25.99 27.55 -34.81
N GLY A 354 -26.42 26.65 -35.69
CA GLY A 354 -25.53 25.62 -36.18
C GLY A 354 -24.94 24.62 -35.21
N TYR A 355 -25.73 24.19 -34.23
CA TYR A 355 -25.27 23.18 -33.27
C TYR A 355 -25.92 21.87 -33.67
N GLN A 356 -25.22 20.76 -33.46
CA GLN A 356 -25.78 19.46 -33.76
C GLN A 356 -25.69 18.70 -32.43
N ARG A 357 -26.76 18.01 -32.07
CA ARG A 357 -26.75 17.20 -30.85
C ARG A 357 -26.36 15.81 -31.24
N LEU A 358 -25.26 15.34 -30.67
CA LEU A 358 -24.80 13.99 -30.94
C LEU A 358 -24.98 13.18 -29.66
N TRP A 359 -24.77 11.88 -29.77
CA TRP A 359 -24.95 11.02 -28.62
C TRP A 359 -23.84 9.98 -28.57
N ASN A 360 -23.28 9.76 -27.39
CA ASN A 360 -22.24 8.76 -27.23
C ASN A 360 -22.90 7.58 -26.52
N ASP A 361 -22.96 6.45 -27.22
CA ASP A 361 -23.62 5.28 -26.66
C ASP A 361 -22.79 4.48 -25.68
N LYS A 362 -21.53 4.88 -25.49
CA LYS A 362 -20.69 4.21 -24.51
C LYS A 362 -20.86 4.98 -23.19
N THR A 363 -20.71 6.30 -23.26
CA THR A 363 -20.83 7.13 -22.07
C THR A 363 -22.29 7.30 -21.66
N LYS A 364 -23.18 7.12 -22.64
CA LYS A 364 -24.64 7.29 -22.48
C LYS A 364 -24.97 8.73 -22.12
N THR A 365 -24.29 9.66 -22.79
CA THR A 365 -24.54 11.08 -22.57
C THR A 365 -24.51 11.81 -23.90
N PRO A 366 -25.20 12.97 -23.98
CA PRO A 366 -25.28 13.80 -25.19
C PRO A 366 -24.19 14.87 -25.21
N TYR A 367 -24.02 15.50 -26.37
CA TYR A 367 -23.05 16.57 -26.50
C TYR A 367 -23.39 17.43 -27.71
N LEU A 368 -23.01 18.70 -27.68
CA LEU A 368 -23.26 19.58 -28.80
C LEU A 368 -21.93 19.85 -29.50
N TYR A 369 -22.02 20.06 -30.81
CA TYR A 369 -20.85 20.34 -31.62
C TYR A 369 -21.23 21.40 -32.61
N HIS A 370 -20.38 22.43 -32.71
CA HIS A 370 -20.60 23.54 -33.62
C HIS A 370 -19.42 23.57 -34.58
N ALA A 371 -19.55 22.83 -35.68
CA ALA A 371 -18.50 22.75 -36.69
C ALA A 371 -17.99 24.09 -37.22
N GLN A 372 -18.89 25.04 -37.43
CA GLN A 372 -18.49 26.34 -37.95
C GLN A 372 -17.56 27.14 -37.04
N ASN A 373 -17.73 27.00 -35.74
CA ASN A 373 -16.89 27.74 -34.82
C ASN A 373 -16.02 26.81 -34.01
N GLY A 374 -16.12 25.52 -34.28
CA GLY A 374 -15.33 24.54 -33.56
C GLY A 374 -15.66 24.59 -32.07
N LEU A 375 -16.91 24.33 -31.73
CA LEU A 375 -17.33 24.33 -30.33
C LEU A 375 -17.80 22.94 -29.92
N PHE A 376 -17.61 22.64 -28.64
CA PHE A 376 -18.00 21.36 -28.05
C PHE A 376 -18.64 21.62 -26.67
N VAL A 377 -19.82 21.05 -26.45
CA VAL A 377 -20.55 21.23 -25.21
C VAL A 377 -20.91 19.87 -24.66
N THR A 378 -20.48 19.59 -23.44
CA THR A 378 -20.82 18.32 -22.80
C THR A 378 -21.90 18.65 -21.78
N TYR A 379 -22.96 17.84 -21.76
CA TYR A 379 -24.07 18.09 -20.84
C TYR A 379 -24.90 16.82 -20.67
N ASP A 380 -25.98 16.93 -19.91
CA ASP A 380 -26.87 15.80 -19.66
C ASP A 380 -28.31 16.18 -19.98
N ASP A 381 -29.15 15.18 -20.25
CA ASP A 381 -30.54 15.44 -20.53
C ASP A 381 -31.47 14.33 -20.05
N ALA A 382 -32.76 14.44 -20.38
CA ALA A 382 -33.73 13.43 -19.94
C ALA A 382 -33.34 12.03 -20.42
N GLU A 383 -32.65 11.94 -21.55
CA GLU A 383 -32.26 10.64 -22.05
C GLU A 383 -31.08 10.06 -21.25
N SER A 384 -30.05 10.85 -20.97
CA SER A 384 -28.92 10.33 -20.19
C SER A 384 -29.41 10.00 -18.78
N PHE A 385 -30.42 10.71 -18.32
CA PHE A 385 -30.97 10.46 -17.00
C PHE A 385 -31.62 9.10 -16.86
N LYS A 386 -32.07 8.50 -17.97
CA LYS A 386 -32.72 7.18 -17.88
C LYS A 386 -31.74 6.14 -17.39
N TYR A 387 -30.53 6.21 -17.95
CA TYR A 387 -29.45 5.28 -17.64
C TYR A 387 -28.94 5.52 -16.23
N LYS A 388 -28.82 6.78 -15.84
CA LYS A 388 -28.32 7.07 -14.52
C LYS A 388 -29.34 6.61 -13.48
N ALA A 389 -30.62 6.79 -13.79
CA ALA A 389 -31.69 6.39 -12.90
C ALA A 389 -31.68 4.86 -12.74
N LYS A 390 -31.58 4.15 -13.87
CA LYS A 390 -31.52 2.70 -13.79
C LYS A 390 -30.30 2.26 -12.94
N TYR A 391 -29.15 2.90 -13.17
CA TYR A 391 -27.94 2.59 -12.40
C TYR A 391 -28.19 2.77 -10.90
N ILE A 392 -28.81 3.89 -10.53
CA ILE A 392 -29.13 4.18 -9.14
C ILE A 392 -29.99 3.05 -8.53
N LYS A 393 -30.93 2.52 -9.29
CA LYS A 393 -31.79 1.48 -8.76
C LYS A 393 -31.04 0.17 -8.64
N GLN A 394 -30.31 -0.20 -9.69
CA GLN A 394 -29.56 -1.44 -9.71
C GLN A 394 -28.53 -1.48 -8.60
N GLN A 395 -27.84 -0.36 -8.39
CA GLN A 395 -26.80 -0.29 -7.36
C GLN A 395 -27.35 0.01 -5.98
N GLN A 396 -28.68 0.11 -5.86
CA GLN A 396 -29.37 0.39 -4.60
C GLN A 396 -28.82 1.62 -3.87
N LEU A 397 -28.62 2.68 -4.64
CA LEU A 397 -28.12 3.95 -4.11
C LEU A 397 -29.26 4.70 -3.46
N GLY A 398 -28.96 5.76 -2.72
CA GLY A 398 -30.00 6.49 -2.05
C GLY A 398 -30.87 7.37 -2.93
N GLY A 399 -30.35 7.77 -4.09
CA GLY A 399 -31.14 8.61 -4.96
C GLY A 399 -30.27 9.46 -5.85
N VAL A 400 -30.81 10.59 -6.27
CA VAL A 400 -30.09 11.50 -7.17
C VAL A 400 -30.07 12.91 -6.59
N MET A 401 -29.07 13.69 -6.98
CA MET A 401 -28.94 15.06 -6.55
C MET A 401 -28.58 15.83 -7.82
N PHE A 402 -28.84 17.12 -7.86
CA PHE A 402 -28.45 17.89 -9.04
C PHE A 402 -28.18 19.34 -8.75
N TRP A 403 -27.31 19.90 -9.58
CA TRP A 403 -26.92 21.30 -9.49
C TRP A 403 -27.22 21.91 -10.87
N HIS A 404 -28.15 22.84 -10.93
CA HIS A 404 -29.01 23.20 -9.81
C HIS A 404 -30.38 23.52 -10.42
N LEU A 405 -31.41 23.45 -9.60
CA LEU A 405 -32.81 23.71 -9.99
C LEU A 405 -33.06 24.87 -10.93
N GLY A 406 -32.38 25.98 -10.69
CA GLY A 406 -32.55 27.16 -11.51
C GLY A 406 -32.08 27.03 -12.93
N GLN A 407 -31.52 25.87 -13.27
CA GLN A 407 -31.02 25.64 -14.62
C GLN A 407 -31.92 24.77 -15.52
N ASP A 408 -32.99 24.22 -14.93
CA ASP A 408 -33.93 23.38 -15.67
C ASP A 408 -34.72 24.30 -16.62
N ASN A 409 -35.41 23.75 -17.62
CA ASN A 409 -36.21 24.60 -18.50
C ASN A 409 -37.48 25.00 -17.74
N ARG A 410 -38.18 26.04 -18.23
CA ARG A 410 -39.40 26.51 -17.57
C ARG A 410 -40.43 25.43 -17.28
N ASN A 411 -40.48 24.41 -18.14
CA ASN A 411 -41.40 23.31 -17.93
C ASN A 411 -40.90 22.30 -16.90
N GLY A 412 -39.68 22.52 -16.40
CA GLY A 412 -39.09 21.61 -15.43
C GLY A 412 -38.97 20.19 -15.96
N ASP A 413 -38.52 20.04 -17.20
CA ASP A 413 -38.41 18.71 -17.76
C ASP A 413 -37.36 17.78 -17.15
N LEU A 414 -36.18 18.30 -16.82
CA LEU A 414 -35.14 17.43 -16.26
C LEU A 414 -35.62 16.89 -14.91
N LEU A 415 -36.19 17.76 -14.09
CA LEU A 415 -36.67 17.32 -12.79
C LEU A 415 -37.80 16.32 -12.92
N ALA A 416 -38.71 16.56 -13.88
CA ALA A 416 -39.84 15.69 -14.07
C ALA A 416 -39.39 14.31 -14.53
N ALA A 417 -38.32 14.28 -15.30
CA ALA A 417 -37.78 13.03 -15.78
C ALA A 417 -37.25 12.19 -14.63
N LEU A 418 -36.49 12.82 -13.74
CA LEU A 418 -35.94 12.07 -12.62
C LEU A 418 -37.04 11.48 -11.75
N ASP A 419 -38.05 12.28 -11.45
CA ASP A 419 -39.14 11.79 -10.64
C ASP A 419 -39.87 10.65 -11.37
N ARG A 420 -40.08 10.83 -12.67
CA ARG A 420 -40.73 9.81 -13.47
C ARG A 420 -39.98 8.46 -13.47
N TYR A 421 -38.67 8.50 -13.68
CA TYR A 421 -37.91 7.25 -13.73
C TYR A 421 -37.88 6.49 -12.42
N PHE A 422 -38.03 7.20 -11.31
CA PHE A 422 -38.05 6.52 -10.02
C PHE A 422 -39.45 6.19 -9.57
N ASN A 423 -40.39 7.07 -9.90
CA ASN A 423 -41.74 6.93 -9.40
C ASN A 423 -42.96 6.61 -10.29
N ALA A 424 -42.93 7.01 -11.56
CA ALA A 424 -44.07 6.76 -12.44
C ALA A 424 -44.47 5.29 -12.53
N ALA A 425 -45.74 5.00 -12.27
CA ALA A 425 -46.23 3.63 -12.35
C ALA A 425 -46.18 3.14 -13.81
N ASP A 426 -46.29 4.07 -14.74
CA ASP A 426 -46.29 3.71 -16.15
C ASP A 426 -44.94 3.82 -16.88
N TYR A 427 -43.84 3.94 -16.13
CA TYR A 427 -42.52 4.00 -16.76
C TYR A 427 -41.84 2.66 -16.44
N ASP A 428 -41.28 2.03 -17.45
CA ASP A 428 -40.64 0.74 -17.24
C ASP A 428 -39.27 0.65 -17.94
N ASP A 429 -38.18 0.65 -17.18
CA ASP A 429 -36.84 0.59 -17.77
C ASP A 429 -36.16 -0.76 -17.68
N SER A 430 -36.94 -1.79 -17.36
CA SER A 430 -36.39 -3.12 -17.22
C SER A 430 -35.63 -3.60 -18.46
N GLN A 431 -35.99 -3.07 -19.63
CA GLN A 431 -35.32 -3.46 -20.87
C GLN A 431 -34.35 -2.40 -21.38
N LEU A 432 -34.11 -1.38 -20.56
CA LEU A 432 -33.19 -0.32 -20.97
C LEU A 432 -31.78 -0.90 -21.09
N ASP A 433 -31.18 -0.70 -22.26
CA ASP A 433 -29.85 -1.20 -22.60
C ASP A 433 -28.75 -0.30 -22.05
N MET A 434 -28.05 -0.80 -21.03
CA MET A 434 -26.99 -0.04 -20.37
C MET A 434 -25.71 0.13 -21.20
N GLY A 435 -25.66 -0.52 -22.37
CA GLY A 435 -24.51 -0.37 -23.25
C GLY A 435 -23.27 -1.21 -22.97
N THR A 436 -22.19 -0.91 -23.66
CA THR A 436 -20.94 -1.64 -23.50
C THR A 436 -19.83 -0.71 -23.04
N GLY A 437 -20.22 0.43 -22.49
CA GLY A 437 -19.23 1.39 -22.00
C GLY A 437 -18.39 0.69 -20.94
N LEU A 438 -17.19 1.19 -20.69
CA LEU A 438 -16.32 0.58 -19.71
C LEU A 438 -16.80 0.75 -18.27
N ARG A 439 -16.87 -0.36 -17.56
CA ARG A 439 -17.24 -0.34 -16.16
C ARG A 439 -15.96 -0.27 -15.35
N TYR A 440 -16.03 0.31 -14.15
CA TYR A 440 -14.87 0.39 -13.30
C TYR A 440 -14.71 -1.05 -12.79
N THR A 441 -13.50 -1.58 -12.87
CA THR A 441 -13.26 -2.96 -12.45
C THR A 441 -12.70 -3.17 -11.05
N GLY A 442 -12.46 -2.08 -10.33
CA GLY A 442 -11.91 -2.17 -8.99
C GLY A 442 -12.65 -3.02 -7.98
N VAL A 443 -11.90 -3.68 -7.12
CA VAL A 443 -12.48 -4.50 -6.07
C VAL A 443 -11.79 -4.12 -4.79
N GLY A 444 -12.56 -3.81 -3.77
CA GLY A 444 -12.00 -3.44 -2.48
C GLY A 444 -12.69 -4.21 -1.37
N PRO A 445 -12.37 -3.93 -0.10
CA PRO A 445 -12.94 -4.58 1.09
C PRO A 445 -14.46 -4.49 1.22
N GLY A 446 -15.02 -3.35 0.82
CA GLY A 446 -16.46 -3.15 0.94
C GLY A 446 -17.33 -3.73 -0.15
N ASN A 447 -16.73 -4.27 -1.21
CA ASN A 447 -17.53 -4.83 -2.29
C ASN A 447 -16.98 -6.15 -2.75
N LEU A 448 -16.54 -6.98 -1.81
CA LEU A 448 -15.99 -8.28 -2.17
C LEU A 448 -17.08 -9.26 -2.65
N PRO A 449 -16.72 -10.12 -3.61
CA PRO A 449 -17.67 -11.10 -4.15
C PRO A 449 -18.00 -12.12 -3.07
N ILE A 450 -19.17 -12.71 -3.16
CA ILE A 450 -19.55 -13.76 -2.23
C ILE A 450 -18.85 -15.00 -2.79
N MET A 451 -18.19 -15.76 -1.92
CA MET A 451 -17.48 -16.95 -2.35
C MET A 451 -17.55 -17.99 -1.25
N THR A 452 -17.16 -19.23 -1.58
CA THR A 452 -17.14 -20.31 -0.62
C THR A 452 -15.80 -21.00 -0.74
N ALA A 453 -15.31 -21.54 0.36
CA ALA A 453 -14.05 -22.25 0.37
C ALA A 453 -13.92 -23.02 1.67
N PRO A 454 -13.07 -24.05 1.68
CA PRO A 454 -12.86 -24.87 2.86
C PRO A 454 -12.36 -23.98 4.00
N ALA A 455 -12.79 -24.31 5.21
CA ALA A 455 -12.37 -23.56 6.38
C ALA A 455 -10.86 -23.70 6.48
N TYR A 456 -10.19 -22.61 6.85
CA TYR A 456 -8.75 -22.63 7.03
C TYR A 456 -8.48 -23.60 8.17
N VAL A 457 -7.44 -24.42 8.04
CA VAL A 457 -7.07 -25.37 9.08
C VAL A 457 -5.68 -25.05 9.64
N PRO A 458 -5.64 -24.65 10.92
CA PRO A 458 -4.34 -24.33 11.55
C PRO A 458 -3.44 -25.55 11.51
N GLY A 459 -2.18 -25.35 11.13
CA GLY A 459 -1.26 -26.47 11.06
C GLY A 459 -1.08 -27.00 9.66
N THR A 460 -1.88 -26.49 8.73
CA THR A 460 -1.81 -26.91 7.34
C THR A 460 -0.88 -25.98 6.58
N THR A 461 -0.23 -26.52 5.55
CA THR A 461 0.66 -25.72 4.72
C THR A 461 -0.06 -25.54 3.40
N TYR A 462 -0.22 -24.29 2.95
CA TYR A 462 -0.93 -24.07 1.72
C TYR A 462 -0.03 -23.70 0.52
N ALA A 463 -0.38 -24.23 -0.64
CA ALA A 463 0.34 -23.94 -1.87
C ALA A 463 -0.15 -22.59 -2.42
N GLN A 464 0.57 -22.03 -3.37
CA GLN A 464 0.16 -20.74 -3.92
C GLN A 464 -1.17 -20.82 -4.66
N GLY A 465 -2.02 -19.83 -4.45
CA GLY A 465 -3.31 -19.81 -5.11
C GLY A 465 -4.44 -20.50 -4.35
N ALA A 466 -4.12 -21.10 -3.20
CA ALA A 466 -5.12 -21.78 -2.38
C ALA A 466 -6.16 -20.83 -1.77
N LEU A 467 -7.39 -21.32 -1.67
CA LEU A 467 -8.49 -20.53 -1.12
C LEU A 467 -9.02 -21.17 0.17
N VAL A 468 -9.27 -20.36 1.18
CA VAL A 468 -9.80 -20.84 2.45
C VAL A 468 -10.77 -19.81 3.00
N SER A 469 -11.68 -20.25 3.86
CA SER A 469 -12.60 -19.32 4.49
C SER A 469 -12.08 -19.19 5.92
N TYR A 470 -12.04 -17.97 6.43
CA TYR A 470 -11.56 -17.72 7.78
C TYR A 470 -12.16 -16.43 8.27
N GLN A 471 -12.71 -16.48 9.47
CA GLN A 471 -13.29 -15.32 10.08
C GLN A 471 -14.14 -14.51 9.10
N GLY A 472 -15.07 -15.19 8.44
CA GLY A 472 -15.98 -14.53 7.52
C GLY A 472 -15.63 -14.32 6.06
N TYR A 473 -14.35 -14.24 5.72
CA TYR A 473 -13.97 -14.00 4.33
C TYR A 473 -13.26 -15.17 3.72
N VAL A 474 -13.16 -15.13 2.39
CA VAL A 474 -12.43 -16.13 1.65
C VAL A 474 -11.10 -15.46 1.29
N TRP A 475 -10.02 -16.15 1.62
CA TRP A 475 -8.66 -15.70 1.41
C TRP A 475 -7.87 -16.57 0.45
N GLN A 476 -6.95 -15.94 -0.28
CA GLN A 476 -6.12 -16.64 -1.25
C GLN A 476 -4.64 -16.38 -0.97
N THR A 477 -3.82 -17.41 -1.12
CA THR A 477 -2.38 -17.27 -0.89
C THR A 477 -1.73 -16.61 -2.10
N LYS A 478 -0.84 -15.64 -1.84
CA LYS A 478 -0.11 -14.92 -2.88
C LYS A 478 1.11 -15.67 -3.40
N TRP A 479 1.62 -16.62 -2.60
CA TRP A 479 2.76 -17.43 -3.00
C TRP A 479 2.67 -18.74 -2.24
N GLY A 480 3.58 -19.68 -2.50
CA GLY A 480 3.47 -20.98 -1.87
C GLY A 480 4.12 -21.19 -0.53
N TYR A 481 3.92 -22.40 0.00
CA TYR A 481 4.48 -22.81 1.27
C TYR A 481 4.07 -21.86 2.40
N ILE A 482 2.76 -21.62 2.50
CA ILE A 482 2.22 -20.74 3.51
C ILE A 482 1.84 -21.58 4.74
N THR A 483 2.42 -21.24 5.88
CA THR A 483 2.19 -22.00 7.09
C THR A 483 1.54 -21.19 8.21
N SER A 484 1.12 -19.97 7.88
CA SER A 484 0.49 -19.12 8.87
C SER A 484 -0.96 -18.83 8.52
N ALA A 485 -1.70 -18.25 9.46
CA ALA A 485 -3.10 -17.96 9.26
C ALA A 485 -3.44 -16.65 8.57
N PRO A 486 -4.57 -16.65 7.82
CA PRO A 486 -5.06 -15.47 7.11
C PRO A 486 -5.20 -14.38 8.15
N GLY A 487 -4.71 -13.19 7.83
CA GLY A 487 -4.80 -12.11 8.78
C GLY A 487 -3.52 -11.96 9.61
N SER A 488 -2.75 -13.03 9.74
CA SER A 488 -1.52 -12.99 10.53
C SER A 488 -0.28 -13.07 9.65
N ASP A 489 -0.48 -13.62 8.45
CA ASP A 489 0.61 -13.79 7.49
C ASP A 489 0.27 -12.93 6.28
N SER A 490 1.17 -12.00 5.93
CA SER A 490 0.93 -11.12 4.80
C SER A 490 0.84 -11.86 3.47
N ALA A 491 0.96 -13.19 3.49
CA ALA A 491 0.87 -13.97 2.26
C ALA A 491 -0.59 -14.22 1.83
N TRP A 492 -1.55 -13.85 2.67
CA TRP A 492 -2.96 -14.05 2.35
C TRP A 492 -3.65 -12.81 1.83
N LEU A 493 -4.42 -12.97 0.75
CA LEU A 493 -5.15 -11.85 0.18
C LEU A 493 -6.64 -12.11 0.36
N LYS A 494 -7.36 -11.16 0.96
CA LYS A 494 -8.79 -11.32 1.15
C LYS A 494 -9.45 -11.15 -0.24
N VAL A 495 -10.10 -12.19 -0.74
CA VAL A 495 -10.69 -12.10 -2.07
C VAL A 495 -12.21 -12.24 -2.18
N GLY A 496 -12.84 -12.69 -1.11
CA GLY A 496 -14.28 -12.87 -1.15
C GLY A 496 -14.86 -12.71 0.23
N ARG A 497 -16.19 -12.62 0.33
CA ARG A 497 -16.80 -12.47 1.63
C ARG A 497 -17.72 -13.62 1.96
N VAL A 498 -18.03 -13.75 3.24
CA VAL A 498 -18.90 -14.80 3.74
C VAL A 498 -18.22 -16.13 3.51
N ALA A 499 -17.99 -16.46 2.33
N THR B 3 38.28 -0.80 10.76
CA THR B 3 37.80 -1.89 11.66
C THR B 3 37.73 -3.24 10.94
N ARG B 4 38.19 -4.29 11.61
CA ARG B 4 38.22 -5.63 11.04
C ARG B 4 36.83 -6.17 10.69
N LYS B 5 36.73 -6.81 9.53
CA LYS B 5 35.46 -7.37 9.11
C LYS B 5 35.22 -8.59 9.98
N ALA B 6 33.97 -8.82 10.34
CA ALA B 6 33.63 -10.00 11.13
C ALA B 6 33.63 -11.22 10.18
N VAL B 7 34.04 -12.37 10.71
CA VAL B 7 34.04 -13.63 9.96
C VAL B 7 33.40 -14.59 10.98
N ILE B 8 32.12 -14.85 10.77
CA ILE B 8 31.33 -15.68 11.68
C ILE B 8 30.99 -17.05 11.11
N GLY B 9 31.57 -18.08 11.71
CA GLY B 9 31.32 -19.42 11.22
C GLY B 9 30.45 -20.19 12.20
N TYR B 10 29.40 -20.81 11.65
CA TYR B 10 28.48 -21.61 12.44
C TYR B 10 29.10 -22.95 12.70
N TYR B 11 29.01 -23.42 13.93
CA TYR B 11 29.52 -24.76 14.17
C TYR B 11 28.30 -25.52 14.64
N PHE B 12 27.72 -26.28 13.71
CA PHE B 12 26.53 -27.06 14.01
C PHE B 12 26.88 -28.51 14.30
N ILE B 13 26.39 -29.03 15.42
CA ILE B 13 26.63 -30.41 15.77
C ILE B 13 25.36 -30.96 16.42
N PRO B 14 24.82 -32.03 15.83
CA PRO B 14 23.62 -32.72 16.27
C PRO B 14 23.79 -33.32 17.65
N THR B 15 22.72 -33.31 18.44
CA THR B 15 22.76 -33.88 19.79
C THR B 15 23.39 -35.27 19.77
N ASN B 16 23.18 -36.00 18.70
CA ASN B 16 23.72 -37.33 18.59
C ASN B 16 25.25 -37.36 18.55
N GLN B 17 25.83 -36.44 17.78
CA GLN B 17 27.27 -36.34 17.65
C GLN B 17 27.88 -35.80 18.94
N ILE B 18 27.13 -34.98 19.65
CA ILE B 18 27.61 -34.47 20.92
C ILE B 18 27.72 -35.64 21.91
N ASN B 19 26.67 -36.45 22.00
CA ASN B 19 26.66 -37.57 22.94
C ASN B 19 27.70 -38.65 22.65
N ASN B 20 28.11 -38.73 21.41
CA ASN B 20 29.10 -39.72 21.02
C ASN B 20 30.36 -39.03 20.48
N TYR B 21 30.61 -37.81 20.95
CA TYR B 21 31.76 -37.06 20.48
C TYR B 21 33.07 -37.82 20.51
N THR B 22 33.81 -37.75 19.40
CA THR B 22 35.10 -38.39 19.26
C THR B 22 35.85 -37.60 18.21
N GLU B 23 37.17 -37.55 18.34
CA GLU B 23 37.98 -36.82 17.37
C GLU B 23 38.82 -37.76 16.54
N THR B 24 38.45 -39.04 16.56
CA THR B 24 39.20 -40.06 15.82
C THR B 24 38.29 -40.98 15.01
N ASP B 25 37.12 -40.49 14.61
CA ASP B 25 36.20 -41.31 13.84
C ASP B 25 35.24 -40.48 13.01
N THR B 26 35.69 -40.13 11.81
CA THR B 26 34.89 -39.32 10.88
C THR B 26 33.51 -39.90 10.66
N SER B 27 33.39 -41.19 10.94
CA SER B 27 32.12 -41.86 10.74
C SER B 27 31.10 -41.45 11.79
N VAL B 28 31.58 -41.12 12.99
CA VAL B 28 30.68 -40.72 14.06
C VAL B 28 30.53 -39.20 14.09
N VAL B 29 31.67 -38.50 14.04
CA VAL B 29 31.70 -37.04 14.03
C VAL B 29 32.53 -36.61 12.85
N PRO B 30 31.87 -36.27 11.73
CA PRO B 30 32.52 -35.84 10.49
C PRO B 30 33.48 -34.67 10.62
N PHE B 31 33.19 -33.74 11.50
CA PHE B 31 34.05 -32.57 11.64
C PHE B 31 34.26 -32.18 13.10
N PRO B 32 35.11 -32.93 13.82
CA PRO B 32 35.38 -32.63 15.24
C PRO B 32 36.10 -31.30 15.37
N VAL B 33 35.99 -30.69 16.54
CA VAL B 33 36.60 -29.41 16.79
C VAL B 33 38.10 -29.40 16.49
N SER B 34 38.76 -30.54 16.70
CA SER B 34 40.18 -30.62 16.44
C SER B 34 40.58 -30.24 15.00
N ASN B 35 39.61 -30.16 14.08
CA ASN B 35 39.92 -29.75 12.70
C ASN B 35 40.25 -28.26 12.67
N ILE B 36 39.85 -27.55 13.72
CA ILE B 36 40.14 -26.13 13.79
C ILE B 36 41.46 -25.86 14.48
N THR B 37 42.50 -25.75 13.67
CA THR B 37 43.85 -25.50 14.12
C THR B 37 43.93 -24.06 14.57
N PRO B 38 45.03 -23.69 15.25
CA PRO B 38 45.24 -22.32 15.73
C PRO B 38 45.19 -21.35 14.56
N ALA B 39 45.65 -21.81 13.40
CA ALA B 39 45.66 -20.98 12.20
C ALA B 39 44.23 -20.68 11.80
N LYS B 40 43.40 -21.72 11.72
CA LYS B 40 42.01 -21.52 11.35
C LYS B 40 41.32 -20.64 12.38
N ALA B 41 41.62 -20.88 13.66
CA ALA B 41 41.04 -20.10 14.75
C ALA B 41 41.32 -18.62 14.59
N LYS B 42 42.51 -18.30 14.10
CA LYS B 42 42.88 -16.90 13.91
C LYS B 42 42.11 -16.28 12.75
N GLN B 43 41.59 -17.13 11.86
CA GLN B 43 40.84 -16.63 10.72
C GLN B 43 39.37 -16.28 11.05
N LEU B 44 38.87 -16.76 12.19
CA LEU B 44 37.49 -16.49 12.63
C LEU B 44 37.41 -15.37 13.66
N THR B 45 36.33 -14.56 13.64
CA THR B 45 36.20 -13.58 14.70
C THR B 45 35.12 -14.13 15.64
N HIS B 46 34.23 -14.97 15.11
CA HIS B 46 33.15 -15.57 15.88
C HIS B 46 32.82 -17.00 15.43
N ILE B 47 32.40 -17.82 16.38
CA ILE B 47 31.96 -19.18 16.09
C ILE B 47 30.59 -19.28 16.76
N ASN B 48 29.56 -19.57 15.97
CA ASN B 48 28.20 -19.69 16.51
C ASN B 48 27.91 -21.17 16.74
N PHE B 49 28.08 -21.60 17.98
CA PHE B 49 27.79 -22.98 18.35
C PHE B 49 26.29 -23.16 18.19
N SER B 50 25.88 -24.19 17.44
CA SER B 50 24.46 -24.44 17.14
C SER B 50 24.02 -25.89 17.42
N PHE B 51 22.80 -26.12 17.92
CA PHE B 51 21.82 -25.11 18.34
C PHE B 51 21.26 -25.45 19.71
N LEU B 52 20.89 -24.41 20.46
CA LEU B 52 20.23 -24.60 21.73
C LEU B 52 18.77 -24.25 21.42
N ASP B 53 17.89 -24.38 22.40
CA ASP B 53 16.48 -24.16 22.15
C ASP B 53 15.83 -23.39 23.29
N ILE B 54 14.51 -23.26 23.21
CA ILE B 54 13.73 -22.64 24.27
C ILE B 54 12.78 -23.78 24.67
N ASN B 55 12.74 -24.13 25.95
CA ASN B 55 11.88 -25.21 26.38
C ASN B 55 10.48 -24.74 26.75
N SER B 56 9.65 -25.68 27.22
CA SER B 56 8.27 -25.35 27.56
C SER B 56 8.20 -24.45 28.78
N ASN B 57 9.27 -24.40 29.56
CA ASN B 57 9.28 -23.50 30.72
C ASN B 57 9.65 -22.10 30.22
N LEU B 58 9.74 -21.96 28.90
CA LEU B 58 10.04 -20.70 28.25
C LEU B 58 11.42 -20.15 28.64
N GLU B 59 12.38 -21.06 28.71
CA GLU B 59 13.74 -20.70 29.04
C GLU B 59 14.67 -21.32 28.03
N CYS B 60 15.82 -20.67 27.84
CA CYS B 60 16.83 -21.18 26.93
C CYS B 60 17.37 -22.48 27.55
N ALA B 61 17.56 -23.50 26.72
CA ALA B 61 18.06 -24.77 27.21
C ALA B 61 18.62 -25.66 26.11
N TRP B 62 19.38 -26.67 26.53
CA TRP B 62 19.95 -27.64 25.59
C TRP B 62 18.86 -28.63 25.21
N ASP B 63 19.00 -29.26 24.06
CA ASP B 63 18.02 -30.28 23.69
C ASP B 63 18.01 -31.22 24.90
N PRO B 64 16.82 -31.62 25.39
CA PRO B 64 16.74 -32.51 26.55
C PRO B 64 17.54 -33.80 26.44
N ALA B 65 17.72 -34.28 25.22
CA ALA B 65 18.47 -35.52 25.02
C ALA B 65 19.99 -35.32 25.05
N THR B 66 20.43 -34.13 25.39
CA THR B 66 21.86 -33.81 25.42
C THR B 66 22.59 -34.29 26.68
N ASN B 67 23.71 -34.97 26.49
CA ASN B 67 24.51 -35.42 27.62
C ASN B 67 25.24 -34.15 28.03
N ASP B 68 24.90 -33.60 29.19
CA ASP B 68 25.52 -32.36 29.62
C ASP B 68 27.05 -32.38 29.68
N ALA B 69 27.63 -33.42 30.28
CA ALA B 69 29.08 -33.51 30.39
C ALA B 69 29.73 -33.45 29.01
N LYS B 70 29.23 -34.23 28.07
CA LYS B 70 29.77 -34.24 26.71
C LYS B 70 29.58 -32.86 26.05
N ALA B 71 28.47 -32.21 26.38
CA ALA B 71 28.20 -30.88 25.82
C ALA B 71 29.28 -29.91 26.28
N ARG B 72 29.56 -29.91 27.59
CA ARG B 72 30.57 -29.02 28.14
C ARG B 72 31.93 -29.32 27.50
N ASP B 73 32.23 -30.61 27.32
CA ASP B 73 33.51 -30.98 26.69
C ASP B 73 33.63 -30.34 25.32
N VAL B 74 32.58 -30.45 24.52
CA VAL B 74 32.59 -29.90 23.17
C VAL B 74 32.78 -28.39 23.23
N VAL B 75 32.05 -27.75 24.13
CA VAL B 75 32.15 -26.30 24.24
C VAL B 75 33.54 -25.84 24.66
N ASN B 76 34.13 -26.58 25.59
CA ASN B 76 35.47 -26.25 26.06
C ASN B 76 36.47 -26.35 24.93
N ARG B 77 36.29 -27.33 24.07
CA ARG B 77 37.20 -27.48 22.95
C ARG B 77 37.11 -26.23 22.09
N LEU B 78 35.92 -25.67 21.98
CA LEU B 78 35.75 -24.46 21.19
C LEU B 78 36.34 -23.26 21.92
N THR B 79 35.95 -23.07 23.18
CA THR B 79 36.47 -21.93 23.92
C THR B 79 38.01 -21.94 24.05
N ALA B 80 38.61 -23.12 24.00
CA ALA B 80 40.06 -23.24 24.09
C ALA B 80 40.73 -22.52 22.91
N LEU B 81 40.07 -22.53 21.75
CA LEU B 81 40.59 -21.88 20.56
C LEU B 81 40.91 -20.42 20.82
N LYS B 82 40.29 -19.86 21.85
CA LYS B 82 40.49 -18.46 22.20
C LYS B 82 41.95 -18.17 22.59
N ALA B 83 42.65 -19.20 23.04
CA ALA B 83 44.05 -19.05 23.44
C ALA B 83 44.94 -18.73 22.23
N HIS B 84 44.43 -18.94 21.03
CA HIS B 84 45.20 -18.65 19.82
C HIS B 84 44.69 -17.38 19.13
N ASN B 85 43.62 -16.82 19.67
CA ASN B 85 43.04 -15.62 19.09
C ASN B 85 42.23 -14.89 20.14
N PRO B 86 42.83 -13.85 20.75
CA PRO B 86 42.22 -13.02 21.79
C PRO B 86 40.90 -12.36 21.42
N SER B 87 40.67 -12.12 20.14
CA SER B 87 39.42 -11.48 19.74
C SER B 87 38.34 -12.48 19.30
N LEU B 88 38.65 -13.77 19.31
CA LEU B 88 37.66 -14.77 18.91
C LEU B 88 36.57 -14.93 19.96
N ARG B 89 35.31 -14.91 19.54
CA ARG B 89 34.21 -15.12 20.47
C ARG B 89 33.49 -16.41 20.10
N ILE B 90 33.09 -17.17 21.11
CA ILE B 90 32.33 -18.41 20.92
C ILE B 90 30.92 -18.08 21.40
N MET B 91 30.05 -17.83 20.43
CA MET B 91 28.66 -17.49 20.66
C MET B 91 27.88 -18.80 20.61
N PHE B 92 26.65 -18.78 21.13
CA PHE B 92 25.80 -19.94 21.00
C PHE B 92 24.50 -19.41 20.37
N SER B 93 23.93 -20.23 19.49
CA SER B 93 22.70 -19.90 18.77
C SER B 93 21.50 -20.66 19.30
N ILE B 94 20.41 -19.93 19.48
CA ILE B 94 19.16 -20.52 19.97
C ILE B 94 18.23 -20.55 18.78
N GLY B 95 17.67 -21.71 18.50
CA GLY B 95 16.75 -21.82 17.39
C GLY B 95 17.11 -22.80 16.29
N GLY B 96 17.16 -22.29 15.06
CA GLY B 96 17.42 -23.14 13.92
C GLY B 96 16.08 -23.57 13.35
N TRP B 97 16.09 -24.13 12.15
CA TRP B 97 14.87 -24.56 11.48
C TRP B 97 14.00 -25.62 12.22
N TYR B 98 14.58 -26.76 12.51
CA TYR B 98 13.86 -27.84 13.19
C TYR B 98 13.14 -27.31 14.44
N TYR B 99 13.82 -26.49 15.24
CA TYR B 99 13.19 -25.96 16.45
C TYR B 99 12.20 -24.82 16.28
N SER B 100 12.58 -23.80 15.51
CA SER B 100 11.76 -22.61 15.41
C SER B 100 10.90 -22.32 14.18
N ASN B 101 10.94 -23.14 13.12
CA ASN B 101 10.08 -22.83 11.96
C ASN B 101 8.62 -22.99 12.45
N ASP B 102 7.67 -22.33 11.77
CA ASP B 102 6.26 -22.36 12.14
C ASP B 102 5.72 -23.73 12.61
N LEU B 103 6.15 -24.79 11.93
CA LEU B 103 5.71 -26.15 12.22
C LEU B 103 6.74 -26.94 13.01
N GLY B 104 7.71 -26.24 13.59
CA GLY B 104 8.74 -26.90 14.38
C GLY B 104 8.29 -27.31 15.77
N VAL B 105 8.95 -28.31 16.35
CA VAL B 105 8.58 -28.79 17.67
C VAL B 105 8.55 -27.76 18.78
N SER B 106 9.43 -26.75 18.70
CA SER B 106 9.48 -25.77 19.77
C SER B 106 8.96 -24.37 19.46
N HIS B 107 8.38 -24.19 18.28
CA HIS B 107 7.89 -22.88 17.86
C HIS B 107 7.05 -22.14 18.89
N ALA B 108 6.09 -22.84 19.47
CA ALA B 108 5.23 -22.22 20.46
C ALA B 108 6.05 -21.61 21.57
N ASN B 109 7.15 -22.25 21.96
CA ASN B 109 7.97 -21.71 23.05
C ASN B 109 8.60 -20.35 22.69
N TYR B 110 8.99 -20.16 21.43
CA TYR B 110 9.55 -18.87 21.03
C TYR B 110 8.46 -17.79 21.08
N VAL B 111 7.28 -18.12 20.56
CA VAL B 111 6.18 -17.17 20.56
C VAL B 111 5.74 -16.79 21.99
N ASN B 112 5.66 -17.77 22.88
CA ASN B 112 5.23 -17.48 24.24
C ASN B 112 6.31 -16.85 25.11
N ALA B 113 7.58 -17.15 24.84
CA ALA B 113 8.62 -16.56 25.67
C ALA B 113 8.70 -15.03 25.54
N VAL B 114 8.35 -14.50 24.38
CA VAL B 114 8.46 -13.05 24.15
C VAL B 114 7.19 -12.27 24.36
N LYS B 115 6.15 -12.92 24.85
CA LYS B 115 4.85 -12.29 25.07
C LYS B 115 4.74 -11.17 26.12
N THR B 116 5.38 -11.33 27.26
CA THR B 116 5.23 -10.32 28.29
C THR B 116 6.53 -9.89 28.94
N PRO B 117 6.47 -8.81 29.72
CA PRO B 117 7.66 -8.31 30.40
C PRO B 117 8.19 -9.45 31.27
N ALA B 118 7.29 -10.12 31.97
CA ALA B 118 7.70 -11.22 32.85
C ALA B 118 8.35 -12.37 32.07
N SER B 119 7.70 -12.81 30.99
CA SER B 119 8.26 -13.92 30.21
C SER B 119 9.57 -13.48 29.56
N ARG B 120 9.59 -12.25 29.04
CA ARG B 120 10.81 -11.77 28.41
C ARG B 120 11.96 -11.68 29.40
N THR B 121 11.68 -11.19 30.61
CA THR B 121 12.72 -11.08 31.61
C THR B 121 13.27 -12.45 31.96
N LYS B 122 12.39 -13.41 32.21
CA LYS B 122 12.83 -14.75 32.58
C LYS B 122 13.64 -15.40 31.45
N PHE B 123 13.17 -15.23 30.23
CA PHE B 123 13.88 -15.80 29.09
C PHE B 123 15.29 -15.20 28.96
N ALA B 124 15.36 -13.87 28.93
CA ALA B 124 16.65 -13.18 28.83
C ALA B 124 17.60 -13.63 29.93
N GLN B 125 17.08 -13.71 31.16
CA GLN B 125 17.92 -14.13 32.28
C GLN B 125 18.46 -15.51 32.02
N SER B 126 17.64 -16.39 31.45
CA SER B 126 18.11 -17.74 31.18
C SER B 126 19.20 -17.73 30.11
N CYS B 127 19.09 -16.82 29.14
CA CYS B 127 20.12 -16.74 28.11
C CYS B 127 21.47 -16.39 28.72
N VAL B 128 21.52 -15.34 29.51
CA VAL B 128 22.78 -14.92 30.14
C VAL B 128 23.31 -15.98 31.10
N ARG B 129 22.39 -16.71 31.73
CA ARG B 129 22.74 -17.78 32.68
C ARG B 129 23.39 -18.97 31.96
N ILE B 130 22.84 -19.33 30.80
CA ILE B 130 23.40 -20.41 29.99
C ILE B 130 24.79 -19.93 29.52
N MET B 131 24.82 -18.68 29.06
CA MET B 131 26.07 -18.12 28.55
C MET B 131 27.21 -18.27 29.55
N LYS B 132 27.00 -17.75 30.75
CA LYS B 132 28.04 -17.83 31.76
C LYS B 132 28.31 -19.26 32.19
N ASP B 133 27.26 -20.06 32.35
CA ASP B 133 27.46 -21.42 32.79
C ASP B 133 28.33 -22.27 31.87
N TYR B 134 28.20 -22.11 30.57
CA TYR B 134 29.01 -22.94 29.68
C TYR B 134 30.25 -22.29 29.13
N GLY B 135 30.41 -20.99 29.34
CA GLY B 135 31.60 -20.32 28.86
C GLY B 135 31.49 -19.67 27.49
N PHE B 136 30.28 -19.26 27.12
CA PHE B 136 30.03 -18.63 25.84
C PHE B 136 30.32 -17.12 25.91
N ASP B 137 30.56 -16.52 24.75
CA ASP B 137 30.87 -15.10 24.67
C ASP B 137 29.74 -14.21 24.17
N GLY B 138 28.58 -14.80 23.95
CA GLY B 138 27.45 -14.02 23.46
C GLY B 138 26.28 -14.89 23.09
N VAL B 139 25.19 -14.25 22.68
CA VAL B 139 23.99 -14.96 22.31
C VAL B 139 23.53 -14.58 20.91
N ASP B 140 23.21 -15.60 20.12
CA ASP B 140 22.72 -15.40 18.77
C ASP B 140 21.35 -16.08 18.69
N ILE B 141 20.36 -15.36 18.20
CA ILE B 141 19.03 -15.94 18.09
C ILE B 141 18.70 -16.21 16.63
N ASP B 142 18.38 -17.46 16.33
CA ASP B 142 18.00 -17.89 14.97
C ASP B 142 16.56 -18.38 14.92
N TRP B 143 15.61 -17.49 15.16
CA TRP B 143 14.20 -17.84 15.08
C TRP B 143 13.81 -17.64 13.61
N GLU B 144 13.41 -18.73 12.96
CA GLU B 144 13.07 -18.66 11.54
C GLU B 144 11.60 -18.93 11.29
N TYR B 145 10.73 -17.92 11.34
CA TYR B 145 11.05 -16.52 11.67
C TYR B 145 9.85 -15.89 12.38
N PRO B 146 10.10 -14.84 13.20
CA PRO B 146 9.03 -14.14 13.93
C PRO B 146 8.07 -13.55 12.92
N GLN B 147 6.81 -13.49 13.26
CA GLN B 147 5.84 -12.96 12.33
C GLN B 147 4.78 -12.10 13.00
N ALA B 148 4.16 -11.24 12.20
CA ALA B 148 3.06 -10.42 12.71
C ALA B 148 3.17 -9.89 14.13
N ALA B 149 2.23 -10.36 14.96
CA ALA B 149 2.09 -9.96 16.35
C ALA B 149 3.24 -10.35 17.23
N GLU B 150 4.10 -11.21 16.72
CA GLU B 150 5.25 -11.66 17.48
C GLU B 150 6.41 -10.66 17.44
N VAL B 151 6.49 -9.84 16.41
CA VAL B 151 7.63 -8.93 16.27
C VAL B 151 7.89 -7.97 17.43
N ASP B 152 6.86 -7.30 17.94
CA ASP B 152 7.09 -6.37 19.04
C ASP B 152 7.64 -7.11 20.26
N GLY B 153 7.09 -8.29 20.56
CA GLY B 153 7.58 -9.05 21.71
C GLY B 153 9.03 -9.44 21.46
N PHE B 154 9.31 -9.87 20.24
CA PHE B 154 10.67 -10.27 19.84
C PHE B 154 11.62 -9.09 20.04
N ILE B 155 11.21 -7.93 19.56
CA ILE B 155 12.04 -6.73 19.71
C ILE B 155 12.27 -6.41 21.17
N ALA B 156 11.22 -6.48 21.98
CA ALA B 156 11.37 -6.18 23.39
C ALA B 156 12.28 -7.22 24.05
N ALA B 157 12.25 -8.46 23.59
CA ALA B 157 13.08 -9.50 24.19
C ALA B 157 14.57 -9.27 23.91
N LEU B 158 14.88 -8.81 22.69
CA LEU B 158 16.27 -8.55 22.31
C LEU B 158 16.82 -7.40 23.17
N GLN B 159 15.98 -6.40 23.36
CA GLN B 159 16.34 -5.24 24.18
C GLN B 159 16.61 -5.69 25.62
N GLU B 160 15.77 -6.59 26.11
CA GLU B 160 15.95 -7.09 27.47
C GLU B 160 17.25 -7.88 27.57
N ILE B 161 17.59 -8.64 26.53
CA ILE B 161 18.83 -9.39 26.57
C ILE B 161 20.01 -8.41 26.52
N ARG B 162 19.90 -7.41 25.65
CA ARG B 162 20.94 -6.39 25.50
C ARG B 162 21.29 -5.74 26.85
N THR B 163 20.27 -5.35 27.62
CA THR B 163 20.54 -4.74 28.92
C THR B 163 21.26 -5.70 29.86
N LEU B 164 20.84 -6.97 29.90
CA LEU B 164 21.50 -7.91 30.78
C LEU B 164 22.93 -8.24 30.35
N LEU B 165 23.18 -8.25 29.04
CA LEU B 165 24.52 -8.55 28.54
C LEU B 165 25.52 -7.44 28.91
N ASN B 166 25.12 -6.20 28.69
CA ASN B 166 25.95 -5.06 29.00
C ASN B 166 26.27 -5.05 30.48
N GLN B 167 25.26 -5.31 31.30
CA GLN B 167 25.44 -5.33 32.73
C GLN B 167 26.42 -6.42 33.09
N GLN B 168 26.28 -7.58 32.45
CA GLN B 168 27.17 -8.71 32.72
C GLN B 168 28.59 -8.40 32.23
N THR B 169 28.69 -7.58 31.19
CA THR B 169 30.00 -7.23 30.67
C THR B 169 30.74 -6.46 31.79
N ILE B 170 30.06 -5.47 32.38
CA ILE B 170 30.65 -4.68 33.46
C ILE B 170 31.05 -5.59 34.62
N THR B 171 30.09 -6.34 35.12
CA THR B 171 30.29 -7.26 36.24
C THR B 171 31.50 -8.17 36.04
N ASP B 172 31.73 -8.58 34.81
CA ASP B 172 32.85 -9.48 34.56
C ASP B 172 34.12 -8.72 34.11
N GLY B 173 34.02 -7.41 33.99
CA GLY B 173 35.17 -6.64 33.55
C GLY B 173 35.62 -7.16 32.19
N ARG B 174 34.65 -7.28 31.29
CA ARG B 174 34.86 -7.80 29.94
C ARG B 174 34.88 -6.67 28.94
N GLN B 175 35.25 -5.49 29.40
CA GLN B 175 35.30 -4.34 28.53
C GLN B 175 36.21 -4.58 27.32
N ALA B 176 37.23 -5.42 27.48
CA ALA B 176 38.14 -5.71 26.37
C ALA B 176 37.54 -6.68 25.33
N LEU B 177 36.44 -7.34 25.68
CA LEU B 177 35.77 -8.27 24.77
C LEU B 177 34.35 -8.47 25.30
N PRO B 178 33.51 -7.45 25.07
CA PRO B 178 32.10 -7.34 25.47
C PRO B 178 31.20 -8.46 24.93
N TYR B 179 30.29 -8.94 25.77
CA TYR B 179 29.35 -9.98 25.38
C TYR B 179 28.49 -9.37 24.24
N GLN B 180 28.25 -10.17 23.22
CA GLN B 180 27.47 -9.69 22.09
C GLN B 180 26.13 -10.39 21.88
N LEU B 181 25.26 -9.70 21.13
CA LEU B 181 23.93 -10.19 20.77
C LEU B 181 23.73 -10.03 19.26
N THR B 182 23.35 -11.12 18.59
CA THR B 182 23.11 -11.11 17.15
C THR B 182 21.93 -12.00 16.82
N ILE B 183 21.42 -11.87 15.61
CA ILE B 183 20.36 -12.80 15.17
C ILE B 183 20.69 -13.16 13.73
N ALA B 184 20.10 -14.25 13.27
CA ALA B 184 20.22 -14.70 11.89
C ALA B 184 18.91 -14.19 11.29
N GLY B 185 19.02 -13.43 10.19
CA GLY B 185 17.85 -12.90 9.53
C GLY B 185 17.62 -13.56 8.17
N ALA B 186 16.40 -13.52 7.66
CA ALA B 186 16.12 -14.11 6.35
C ALA B 186 16.90 -13.38 5.25
N GLY B 187 17.26 -14.11 4.20
CA GLY B 187 17.99 -13.55 3.08
C GLY B 187 17.10 -13.40 1.86
N GLY B 188 15.90 -13.95 1.94
CA GLY B 188 14.95 -13.86 0.83
C GLY B 188 13.73 -13.05 1.25
N ALA B 189 13.16 -12.29 0.31
CA ALA B 189 12.01 -11.44 0.58
C ALA B 189 10.77 -12.14 1.18
N PHE B 190 10.47 -13.36 0.76
CA PHE B 190 9.28 -14.04 1.26
C PHE B 190 9.29 -14.15 2.78
N PHE B 191 10.33 -14.75 3.35
CA PHE B 191 10.41 -14.80 4.81
C PHE B 191 10.69 -13.42 5.42
N LEU B 192 11.47 -12.61 4.71
CA LEU B 192 11.79 -11.27 5.21
C LEU B 192 10.55 -10.40 5.39
N SER B 193 9.57 -10.52 4.49
CA SER B 193 8.36 -9.69 4.61
C SER B 193 7.67 -9.87 5.96
N ARG B 194 7.88 -11.01 6.62
CA ARG B 194 7.26 -11.25 7.93
C ARG B 194 7.56 -10.17 8.93
N TYR B 195 8.78 -9.65 8.93
CA TYR B 195 9.15 -8.63 9.92
C TYR B 195 9.85 -7.41 9.35
N TYR B 196 9.97 -7.37 8.03
CA TYR B 196 10.66 -6.26 7.36
C TYR B 196 10.38 -4.85 7.91
N SER B 197 9.10 -4.49 8.00
CA SER B 197 8.71 -3.15 8.46
C SER B 197 9.32 -2.70 9.79
N LYS B 198 9.80 -3.63 10.61
CA LYS B 198 10.38 -3.24 11.89
C LYS B 198 11.87 -3.53 11.99
N LEU B 199 12.54 -3.63 10.85
CA LEU B 199 13.96 -3.94 10.84
C LEU B 199 14.82 -3.06 11.76
N ALA B 200 14.60 -1.75 11.69
CA ALA B 200 15.40 -0.83 12.49
C ALA B 200 15.27 -1.15 13.98
N GLN B 201 14.05 -1.40 14.43
CA GLN B 201 13.83 -1.71 15.84
C GLN B 201 14.48 -3.03 16.24
N ILE B 202 14.44 -4.00 15.34
CA ILE B 202 15.04 -5.30 15.60
C ILE B 202 16.55 -5.23 15.67
N VAL B 203 17.15 -4.50 14.74
CA VAL B 203 18.60 -4.37 14.68
C VAL B 203 19.25 -3.46 15.75
N ALA B 204 18.51 -2.46 16.23
CA ALA B 204 19.05 -1.53 17.21
C ALA B 204 19.79 -2.18 18.38
N PRO B 205 19.19 -3.22 18.98
CA PRO B 205 19.92 -3.83 20.12
C PRO B 205 21.01 -4.82 19.75
N LEU B 206 21.20 -5.05 18.45
CA LEU B 206 22.20 -6.02 18.02
C LEU B 206 23.59 -5.49 17.68
N ASP B 207 24.56 -6.38 17.78
CA ASP B 207 25.92 -6.04 17.36
C ASP B 207 25.88 -6.31 15.85
N TYR B 208 25.18 -7.38 15.44
CA TYR B 208 25.05 -7.72 14.01
C TYR B 208 23.79 -8.50 13.70
N ILE B 209 23.34 -8.37 12.46
CA ILE B 209 22.24 -9.19 11.98
C ILE B 209 22.94 -9.96 10.85
N ASN B 210 22.98 -11.29 10.99
CA ASN B 210 23.62 -12.15 10.01
C ASN B 210 22.58 -12.62 8.99
N LEU B 211 22.68 -12.12 7.76
CA LEU B 211 21.70 -12.46 6.72
C LEU B 211 21.95 -13.82 6.10
N MET B 212 20.91 -14.64 6.06
CA MET B 212 21.02 -15.98 5.50
C MET B 212 20.86 -15.85 3.99
N THR B 213 21.83 -15.17 3.38
CA THR B 213 21.78 -14.94 1.93
C THR B 213 22.23 -16.14 1.09
N TYR B 214 21.44 -17.21 1.19
CA TYR B 214 21.62 -18.46 0.46
C TYR B 214 20.28 -19.18 0.56
N ASP B 215 20.17 -20.37 -0.04
CA ASP B 215 18.91 -21.09 -0.10
C ASP B 215 17.93 -20.23 -0.89
N LEU B 216 18.44 -19.41 -1.81
CA LEU B 216 17.57 -18.55 -2.62
C LEU B 216 16.97 -19.37 -3.77
N ALA B 217 17.37 -20.64 -3.83
CA ALA B 217 16.87 -21.61 -4.80
C ALA B 217 16.79 -22.88 -3.95
N GLY B 218 15.87 -23.77 -4.28
CA GLY B 218 15.75 -24.99 -3.51
C GLY B 218 14.78 -25.94 -4.20
N PRO B 219 14.69 -27.20 -3.72
CA PRO B 219 13.78 -28.17 -4.34
C PRO B 219 12.36 -27.63 -4.50
N TRP B 220 11.94 -26.80 -3.56
CA TRP B 220 10.62 -26.20 -3.58
C TRP B 220 10.36 -25.26 -4.76
N GLU B 221 11.39 -24.87 -5.52
CA GLU B 221 11.17 -23.99 -6.67
C GLU B 221 10.95 -24.81 -7.96
N LYS B 222 10.14 -24.29 -8.87
CA LYS B 222 9.84 -24.98 -10.12
C LYS B 222 10.99 -24.97 -11.11
N VAL B 223 11.87 -23.98 -10.99
CA VAL B 223 12.99 -23.86 -11.90
C VAL B 223 14.29 -23.93 -11.12
N THR B 224 15.28 -24.63 -11.66
CA THR B 224 16.57 -24.72 -11.01
C THR B 224 17.18 -23.33 -11.09
N ASN B 225 18.01 -23.00 -10.10
CA ASN B 225 18.64 -21.68 -10.06
C ASN B 225 19.77 -21.67 -9.03
N HIS B 226 20.62 -20.66 -9.12
CA HIS B 226 21.73 -20.49 -8.20
C HIS B 226 21.13 -20.12 -6.86
N GLN B 227 21.62 -20.73 -5.78
CA GLN B 227 21.04 -20.44 -4.45
C GLN B 227 21.64 -19.20 -3.78
N ALA B 228 22.73 -18.67 -4.36
CA ALA B 228 23.34 -17.50 -3.78
C ALA B 228 23.97 -16.60 -4.82
N ALA B 229 23.20 -16.29 -5.87
CA ALA B 229 23.69 -15.40 -6.91
C ALA B 229 24.02 -14.06 -6.25
N LEU B 230 25.18 -13.50 -6.53
CA LEU B 230 25.49 -12.18 -5.98
C LEU B 230 24.63 -11.13 -6.74
N PHE B 231 24.63 -11.24 -8.06
CA PHE B 231 23.84 -10.34 -8.92
C PHE B 231 22.90 -11.14 -9.79
N GLY B 232 21.89 -10.48 -10.36
CA GLY B 232 20.92 -11.16 -11.18
C GLY B 232 21.32 -11.48 -12.60
N ASP B 233 20.73 -12.56 -13.12
CA ASP B 233 20.95 -13.02 -14.49
C ASP B 233 19.59 -12.86 -15.19
N ALA B 234 19.55 -12.04 -16.25
CA ALA B 234 18.30 -11.81 -16.97
C ALA B 234 17.65 -13.10 -17.47
N ALA B 235 18.46 -14.11 -17.76
CA ALA B 235 17.95 -15.38 -18.24
C ALA B 235 17.37 -16.26 -17.14
N GLY B 236 17.69 -15.94 -15.89
CA GLY B 236 17.19 -16.74 -14.78
C GLY B 236 15.75 -16.42 -14.38
N PRO B 237 15.17 -17.19 -13.44
CA PRO B 237 13.80 -16.90 -13.05
C PRO B 237 13.71 -15.60 -12.24
N THR B 238 12.52 -15.01 -12.19
CA THR B 238 12.30 -13.79 -11.42
C THR B 238 11.12 -14.05 -10.51
N PHE B 239 11.00 -13.26 -9.46
CA PHE B 239 9.94 -13.46 -8.48
C PHE B 239 9.16 -12.21 -8.10
N TYR B 240 7.96 -12.41 -7.58
CA TYR B 240 7.16 -11.29 -7.14
C TYR B 240 7.87 -10.79 -5.89
N ASN B 241 8.03 -9.49 -5.79
CA ASN B 241 8.70 -8.90 -4.65
C ASN B 241 7.80 -8.84 -3.43
N ALA B 242 7.79 -9.91 -2.63
CA ALA B 242 6.96 -9.97 -1.43
C ALA B 242 7.01 -8.77 -0.47
N LEU B 243 8.10 -8.00 -0.48
CA LEU B 243 8.16 -6.87 0.44
C LEU B 243 7.04 -5.85 0.21
N ARG B 244 6.45 -5.82 -0.99
CA ARG B 244 5.37 -4.87 -1.23
C ARG B 244 4.09 -5.29 -0.51
N GLU B 245 4.13 -6.44 0.17
CA GLU B 245 2.98 -6.91 0.92
C GLU B 245 3.26 -6.76 2.40
N ALA B 246 4.41 -6.18 2.74
CA ALA B 246 4.77 -5.97 4.16
C ALA B 246 3.95 -4.80 4.72
N ASN B 247 3.66 -4.84 6.01
CA ASN B 247 2.86 -3.79 6.63
C ASN B 247 3.61 -2.49 6.86
N LEU B 248 4.03 -1.87 5.77
CA LEU B 248 4.81 -0.64 5.81
C LEU B 248 4.03 0.67 5.90
N GLY B 249 2.87 0.71 5.25
CA GLY B 249 2.07 1.92 5.25
C GLY B 249 2.50 2.91 4.18
N TRP B 250 3.10 2.40 3.11
CA TRP B 250 3.57 3.25 2.02
C TRP B 250 2.52 3.32 0.91
N SER B 251 2.58 4.38 0.09
CA SER B 251 1.62 4.54 -1.00
C SER B 251 1.98 3.57 -2.09
N TRP B 252 1.13 3.49 -3.11
CA TRP B 252 1.40 2.59 -4.23
C TRP B 252 2.71 2.97 -4.92
N GLU B 253 2.90 4.27 -5.14
CA GLU B 253 4.12 4.76 -5.78
C GLU B 253 5.35 4.40 -4.94
N GLU B 254 5.25 4.53 -3.62
CA GLU B 254 6.39 4.21 -2.77
C GLU B 254 6.74 2.74 -2.80
N LEU B 255 5.73 1.89 -2.71
CA LEU B 255 5.97 0.46 -2.74
C LEU B 255 6.59 0.02 -4.07
N THR B 256 6.08 0.58 -5.16
CA THR B 256 6.57 0.21 -6.48
C THR B 256 8.03 0.62 -6.70
N ARG B 257 8.40 1.80 -6.22
CA ARG B 257 9.77 2.30 -6.36
C ARG B 257 10.75 1.52 -5.50
N ALA B 258 10.33 1.21 -4.29
CA ALA B 258 11.16 0.46 -3.35
C ALA B 258 11.28 -1.01 -3.70
N PHE B 259 10.24 -1.58 -4.32
CA PHE B 259 10.26 -3.00 -4.63
C PHE B 259 9.95 -3.42 -6.05
N PRO B 260 10.90 -3.23 -6.98
CA PRO B 260 10.62 -3.63 -8.36
C PRO B 260 10.22 -5.10 -8.34
N SER B 261 9.30 -5.46 -9.21
CA SER B 261 8.79 -6.82 -9.28
C SER B 261 8.29 -7.05 -10.69
N PRO B 262 8.56 -8.24 -11.27
CA PRO B 262 9.31 -9.33 -10.63
C PRO B 262 10.77 -8.87 -10.47
N PHE B 263 11.52 -9.54 -9.62
CA PHE B 263 12.92 -9.18 -9.44
C PHE B 263 13.76 -10.46 -9.33
N SER B 264 15.08 -10.27 -9.30
CA SER B 264 16.02 -11.37 -9.19
C SER B 264 16.36 -11.60 -7.73
N LEU B 265 16.07 -12.80 -7.24
CA LEU B 265 16.35 -13.17 -5.86
C LEU B 265 17.89 -13.36 -5.76
N THR B 266 18.58 -12.35 -5.24
CA THR B 266 20.03 -12.38 -5.13
C THR B 266 20.53 -11.87 -3.77
N VAL B 267 21.82 -12.04 -3.52
CA VAL B 267 22.44 -11.59 -2.27
C VAL B 267 22.39 -10.06 -2.24
N ASP B 268 22.72 -9.44 -3.38
CA ASP B 268 22.70 -7.99 -3.51
C ASP B 268 21.28 -7.46 -3.17
N ALA B 269 20.24 -8.16 -3.62
CA ALA B 269 18.88 -7.72 -3.33
C ALA B 269 18.61 -7.71 -1.83
N ALA B 270 18.95 -8.81 -1.15
CA ALA B 270 18.71 -8.88 0.29
C ALA B 270 19.42 -7.74 1.01
N VAL B 271 20.69 -7.54 0.68
CA VAL B 271 21.46 -6.51 1.32
C VAL B 271 20.87 -5.13 1.06
N GLN B 272 20.56 -4.83 -0.19
CA GLN B 272 19.98 -3.53 -0.51
C GLN B 272 18.60 -3.38 0.14
N GLN B 273 17.84 -4.47 0.22
CA GLN B 273 16.54 -4.37 0.88
C GLN B 273 16.72 -3.95 2.32
N HIS B 274 17.76 -4.47 2.99
CA HIS B 274 17.98 -4.06 4.37
C HIS B 274 18.47 -2.60 4.46
N LEU B 275 19.38 -2.23 3.57
CA LEU B 275 19.91 -0.87 3.57
C LEU B 275 18.85 0.21 3.28
N MET B 276 17.84 -0.10 2.47
CA MET B 276 16.77 0.86 2.15
C MET B 276 16.01 1.39 3.35
N MET B 277 15.98 0.61 4.42
CA MET B 277 15.28 0.97 5.64
C MET B 277 16.06 1.89 6.57
N GLU B 278 15.47 3.05 6.86
CA GLU B 278 16.09 4.01 7.73
C GLU B 278 16.39 3.41 9.12
N GLY B 279 17.57 3.70 9.65
CA GLY B 279 17.94 3.20 10.96
C GLY B 279 18.67 1.86 10.92
N VAL B 280 18.87 1.32 9.73
CA VAL B 280 19.58 0.05 9.58
C VAL B 280 20.97 0.37 9.03
N PRO B 281 21.99 0.38 9.90
CA PRO B 281 23.38 0.69 9.52
C PRO B 281 24.10 -0.47 8.81
N SER B 282 24.80 -0.15 7.72
CA SER B 282 25.49 -1.15 6.96
C SER B 282 26.51 -1.89 7.79
N ALA B 283 27.06 -1.23 8.82
CA ALA B 283 28.06 -1.87 9.67
C ALA B 283 27.51 -3.03 10.49
N LYS B 284 26.20 -3.11 10.66
CA LYS B 284 25.65 -4.22 11.45
C LYS B 284 25.22 -5.36 10.52
N ILE B 285 25.26 -5.09 9.22
CA ILE B 285 24.87 -6.11 8.26
C ILE B 285 25.98 -7.09 7.94
N VAL B 286 25.72 -8.37 8.21
CA VAL B 286 26.69 -9.39 7.91
C VAL B 286 26.13 -10.26 6.79
N MET B 287 26.92 -10.44 5.74
CA MET B 287 26.48 -11.25 4.61
C MET B 287 26.79 -12.73 4.86
N GLY B 288 25.79 -13.58 4.74
CA GLY B 288 26.03 -15.00 4.91
C GLY B 288 26.36 -15.62 3.56
N VAL B 289 27.22 -16.65 3.56
CA VAL B 289 27.54 -17.38 2.35
C VAL B 289 27.45 -18.87 2.73
N PRO B 290 27.07 -19.73 1.77
CA PRO B 290 26.96 -21.15 2.01
C PRO B 290 28.24 -21.96 1.79
N PHE B 291 28.52 -22.89 2.69
CA PHE B 291 29.67 -23.78 2.55
C PHE B 291 29.14 -25.10 2.02
N TYR B 292 28.01 -25.05 1.33
CA TYR B 292 27.41 -26.26 0.77
C TYR B 292 26.71 -25.90 -0.53
N GLY B 293 26.33 -26.93 -1.29
CA GLY B 293 25.63 -26.76 -2.53
C GLY B 293 24.29 -27.46 -2.48
N ARG B 294 23.38 -27.06 -3.35
CA ARG B 294 22.09 -27.72 -3.39
C ARG B 294 22.01 -28.43 -4.74
N ALA B 295 21.64 -29.72 -4.70
CA ALA B 295 21.56 -30.55 -5.89
C ALA B 295 20.17 -30.76 -6.46
N PHE B 296 20.07 -30.74 -7.79
CA PHE B 296 18.80 -30.95 -8.49
C PHE B 296 18.96 -32.08 -9.51
N LYS B 297 17.88 -32.85 -9.72
CA LYS B 297 17.92 -33.93 -10.71
C LYS B 297 16.81 -33.77 -11.73
N GLY B 298 16.93 -34.51 -12.83
CA GLY B 298 15.96 -34.44 -13.88
C GLY B 298 16.04 -33.12 -14.62
N VAL B 299 17.23 -32.55 -14.71
CA VAL B 299 17.36 -31.25 -15.39
C VAL B 299 17.60 -31.41 -16.90
N SER B 300 17.16 -30.41 -17.67
CA SER B 300 17.35 -30.46 -19.11
C SER B 300 18.76 -29.95 -19.43
N GLY B 301 19.22 -30.22 -20.64
CA GLY B 301 20.54 -29.76 -21.02
C GLY B 301 20.41 -28.44 -21.76
N GLY B 302 21.45 -28.04 -22.47
CA GLY B 302 21.40 -26.81 -23.23
C GLY B 302 22.03 -25.61 -22.54
N ASN B 303 21.84 -25.51 -21.23
CA ASN B 303 22.40 -24.39 -20.49
C ASN B 303 23.02 -24.78 -19.16
N GLY B 304 23.76 -25.89 -19.15
CA GLY B 304 24.42 -26.36 -17.95
C GLY B 304 23.47 -26.77 -16.85
N GLY B 305 22.20 -26.98 -17.19
CA GLY B 305 21.23 -27.38 -16.21
C GLY B 305 20.61 -26.21 -15.49
N GLN B 306 21.02 -25.00 -15.86
CA GLN B 306 20.48 -23.79 -15.23
C GLN B 306 19.09 -23.51 -15.75
N TYR B 307 18.24 -23.01 -14.84
CA TYR B 307 16.89 -22.60 -15.20
C TYR B 307 16.12 -23.66 -15.96
N SER B 308 16.07 -24.86 -15.40
CA SER B 308 15.38 -25.96 -16.03
C SER B 308 14.39 -26.61 -15.06
N SER B 309 13.38 -27.26 -15.59
CA SER B 309 12.44 -27.94 -14.74
C SER B 309 13.28 -29.10 -14.21
N HIS B 310 12.79 -29.79 -13.20
CA HIS B 310 13.55 -30.88 -12.63
C HIS B 310 12.56 -31.77 -11.91
N SER B 311 13.03 -32.91 -11.44
CA SER B 311 12.16 -33.85 -10.74
C SER B 311 12.66 -34.10 -9.33
N THR B 312 13.15 -33.03 -8.70
CA THR B 312 13.68 -33.10 -7.35
C THR B 312 12.58 -32.97 -6.29
N PRO B 313 12.47 -33.96 -5.39
CA PRO B 313 11.46 -33.94 -4.33
C PRO B 313 11.77 -32.74 -3.41
N GLY B 314 10.76 -31.95 -3.08
CA GLY B 314 11.01 -30.79 -2.23
C GLY B 314 10.60 -31.00 -0.78
N GLU B 315 9.83 -32.06 -0.53
CA GLU B 315 9.38 -32.33 0.82
C GLU B 315 10.52 -32.64 1.76
N ASP B 316 10.36 -32.23 3.00
CA ASP B 316 11.37 -32.47 4.00
C ASP B 316 10.71 -33.23 5.14
N PRO B 317 11.34 -34.32 5.59
CA PRO B 317 12.61 -34.90 5.14
C PRO B 317 12.55 -35.51 3.74
N TYR B 318 13.71 -35.85 3.20
CA TYR B 318 13.76 -36.46 1.87
C TYR B 318 12.89 -37.72 1.95
N PRO B 319 11.80 -37.74 1.17
CA PRO B 319 10.82 -38.84 1.09
C PRO B 319 11.39 -40.16 0.59
N SER B 320 12.00 -40.10 -0.58
CA SER B 320 12.56 -41.26 -1.26
C SER B 320 13.74 -41.90 -0.54
N THR B 321 14.37 -42.86 -1.20
CA THR B 321 15.53 -43.55 -0.68
C THR B 321 16.55 -43.56 -1.82
N ASP B 322 16.14 -42.96 -2.93
CA ASP B 322 16.98 -42.86 -4.12
C ASP B 322 18.06 -41.78 -3.98
N TYR B 323 19.28 -42.21 -3.70
CA TYR B 323 20.41 -41.27 -3.56
C TYR B 323 21.10 -41.16 -4.91
N TRP B 324 20.52 -40.32 -5.75
CA TRP B 324 20.95 -40.06 -7.12
C TRP B 324 22.08 -39.06 -7.37
N LEU B 325 22.67 -38.52 -6.31
CA LEU B 325 23.77 -37.58 -6.50
C LEU B 325 25.06 -38.40 -6.62
N VAL B 326 25.39 -38.74 -7.85
CA VAL B 326 26.56 -39.55 -8.18
C VAL B 326 27.84 -39.07 -7.51
N GLY B 327 28.52 -39.97 -6.82
CA GLY B 327 29.77 -39.63 -6.17
C GLY B 327 29.71 -39.11 -4.75
N CYS B 328 28.54 -38.65 -4.32
CA CYS B 328 28.37 -38.11 -2.98
C CYS B 328 28.07 -39.17 -1.92
N GLU B 329 29.09 -39.59 -1.18
CA GLU B 329 28.89 -40.59 -0.14
C GLU B 329 28.30 -39.98 1.12
N GLU B 330 28.44 -38.67 1.24
CA GLU B 330 27.91 -37.91 2.35
C GLU B 330 26.39 -38.03 2.29
N CYS B 331 25.86 -37.97 1.07
CA CYS B 331 24.44 -38.05 0.80
C CYS B 331 23.80 -39.34 1.31
N VAL B 332 24.52 -40.45 1.13
CA VAL B 332 24.05 -41.75 1.56
C VAL B 332 24.03 -41.75 3.08
N ARG B 333 25.12 -41.27 3.68
CA ARG B 333 25.23 -41.23 5.12
C ARG B 333 24.05 -40.46 5.71
N ASP B 334 23.82 -39.26 5.19
CA ASP B 334 22.74 -38.42 5.69
C ASP B 334 21.38 -38.61 5.05
N LYS B 335 21.27 -39.56 4.13
CA LYS B 335 20.01 -39.86 3.45
C LYS B 335 19.29 -38.67 2.80
N ASP B 336 19.99 -37.90 2.00
CA ASP B 336 19.38 -36.78 1.29
C ASP B 336 20.36 -36.35 0.21
N PRO B 337 19.98 -36.55 -1.05
CA PRO B 337 20.83 -36.19 -2.20
C PRO B 337 20.68 -34.74 -2.63
N ARG B 338 19.92 -33.97 -1.87
CA ARG B 338 19.66 -32.59 -2.21
C ARG B 338 20.66 -31.55 -1.74
N ILE B 339 21.54 -31.96 -0.84
CA ILE B 339 22.55 -31.06 -0.31
C ILE B 339 23.88 -31.77 -0.10
N ALA B 340 24.98 -31.10 -0.46
CA ALA B 340 26.31 -31.66 -0.27
C ALA B 340 27.26 -30.55 0.18
N SER B 341 28.10 -30.89 1.15
CA SER B 341 29.10 -29.97 1.68
C SER B 341 30.12 -29.65 0.59
N TYR B 342 30.76 -28.48 0.70
CA TYR B 342 31.79 -28.11 -0.27
C TYR B 342 32.88 -29.18 -0.30
N ARG B 343 33.25 -29.71 0.87
CA ARG B 343 34.26 -30.75 1.00
C ARG B 343 33.92 -31.90 0.07
N GLN B 344 32.69 -32.38 0.18
CA GLN B 344 32.20 -33.48 -0.64
C GLN B 344 32.17 -33.12 -2.13
N LEU B 345 31.68 -31.94 -2.45
CA LEU B 345 31.60 -31.51 -3.84
C LEU B 345 32.98 -31.55 -4.48
N GLU B 346 33.98 -31.08 -3.74
CA GLU B 346 35.35 -31.05 -4.25
C GLU B 346 35.80 -32.48 -4.60
N GLN B 347 35.51 -33.44 -3.72
CA GLN B 347 35.86 -34.83 -3.95
C GLN B 347 35.10 -35.39 -5.16
N MET B 348 33.86 -34.96 -5.35
CA MET B 348 33.08 -35.40 -6.49
C MET B 348 33.76 -34.95 -7.78
N LEU B 349 34.28 -33.72 -7.79
CA LEU B 349 34.96 -33.20 -8.96
C LEU B 349 36.24 -34.00 -9.23
N GLN B 350 36.99 -34.25 -8.16
CA GLN B 350 38.24 -34.98 -8.25
C GLN B 350 38.07 -36.45 -8.67
N GLY B 351 36.94 -37.05 -8.30
CA GLY B 351 36.72 -38.45 -8.61
C GLY B 351 36.27 -38.83 -10.00
N ASN B 352 36.23 -37.88 -10.92
CA ASN B 352 35.80 -38.20 -12.28
C ASN B 352 34.52 -39.00 -12.29
N TYR B 353 33.44 -38.37 -11.85
CA TYR B 353 32.14 -39.01 -11.82
C TYR B 353 31.24 -38.43 -12.89
N GLY B 354 31.79 -37.56 -13.73
CA GLY B 354 31.01 -36.97 -14.80
C GLY B 354 30.49 -35.54 -14.62
N TYR B 355 31.00 -34.82 -13.62
CA TYR B 355 30.58 -33.46 -13.35
C TYR B 355 31.45 -32.42 -14.05
N GLN B 356 30.82 -31.41 -14.61
CA GLN B 356 31.57 -30.33 -15.25
C GLN B 356 31.37 -29.11 -14.34
N ARG B 357 32.47 -28.49 -13.92
CA ARG B 357 32.37 -27.29 -13.08
C ARG B 357 32.22 -26.11 -14.05
N LEU B 358 31.13 -25.37 -13.93
CA LEU B 358 30.86 -24.24 -14.81
C LEU B 358 30.78 -22.93 -14.05
N TRP B 359 30.84 -21.82 -14.77
CA TRP B 359 30.80 -20.50 -14.16
C TRP B 359 29.83 -19.53 -14.83
N ASN B 360 29.04 -18.84 -14.00
CA ASN B 360 28.07 -17.84 -14.48
C ASN B 360 28.66 -16.51 -14.13
N ASP B 361 29.10 -15.80 -15.16
CA ASP B 361 29.72 -14.51 -14.97
C ASP B 361 28.80 -13.35 -14.61
N LYS B 362 27.50 -13.58 -14.59
CA LYS B 362 26.54 -12.53 -14.20
C LYS B 362 26.32 -12.65 -12.69
N THR B 363 25.99 -13.86 -12.25
CA THR B 363 25.74 -14.11 -10.83
C THR B 363 27.03 -14.21 -10.05
N LYS B 364 28.13 -14.42 -10.78
CA LYS B 364 29.46 -14.57 -10.20
C LYS B 364 29.53 -15.78 -9.28
N THR B 365 28.94 -16.89 -9.74
CA THR B 365 28.96 -18.10 -8.94
C THR B 365 29.16 -19.30 -9.83
N PRO B 366 29.69 -20.39 -9.24
CA PRO B 366 29.97 -21.66 -9.91
C PRO B 366 28.81 -22.64 -9.77
N TYR B 367 28.80 -23.66 -10.61
CA TYR B 367 27.77 -24.68 -10.53
C TYR B 367 28.25 -25.93 -11.24
N LEU B 368 27.72 -27.08 -10.82
CA LEU B 368 28.13 -28.33 -11.46
C LEU B 368 26.99 -28.81 -12.33
N TYR B 369 27.34 -29.45 -13.44
CA TYR B 369 26.37 -29.99 -14.37
C TYR B 369 26.76 -31.43 -14.69
N HIS B 370 25.81 -32.34 -14.55
CA HIS B 370 26.08 -33.73 -14.84
C HIS B 370 25.23 -34.10 -16.04
N ALA B 371 25.86 -34.14 -17.20
CA ALA B 371 25.17 -34.45 -18.45
C ALA B 371 24.62 -35.89 -18.50
N GLN B 372 25.45 -36.86 -18.13
CA GLN B 372 25.04 -38.27 -18.16
C GLN B 372 23.78 -38.55 -17.34
N ASN B 373 23.68 -37.96 -16.16
CA ASN B 373 22.51 -38.21 -15.31
C ASN B 373 21.53 -37.06 -15.16
N GLY B 374 21.81 -35.93 -15.81
CA GLY B 374 20.90 -34.79 -15.71
C GLY B 374 20.86 -34.17 -14.33
N LEU B 375 22.04 -33.83 -13.81
CA LEU B 375 22.14 -33.23 -12.49
C LEU B 375 22.66 -31.79 -12.56
N PHE B 376 22.23 -30.99 -11.57
CA PHE B 376 22.64 -29.58 -11.46
C PHE B 376 22.97 -29.24 -9.98
N VAL B 377 24.10 -28.59 -9.75
CA VAL B 377 24.45 -28.20 -8.40
C VAL B 377 24.84 -26.73 -8.26
N THR B 378 24.15 -26.02 -7.38
CA THR B 378 24.49 -24.64 -7.14
C THR B 378 25.22 -24.59 -5.81
N TYR B 379 26.41 -23.99 -5.83
CA TYR B 379 27.23 -23.87 -4.64
C TYR B 379 28.13 -22.65 -4.76
N ASP B 380 28.94 -22.43 -3.72
CA ASP B 380 29.88 -21.32 -3.67
C ASP B 380 31.31 -21.83 -3.49
N ASP B 381 32.30 -21.07 -3.96
CA ASP B 381 33.69 -21.49 -3.78
C ASP B 381 34.62 -20.28 -3.54
N ALA B 382 35.93 -20.51 -3.46
CA ALA B 382 36.86 -19.41 -3.20
C ALA B 382 36.77 -18.30 -4.24
N GLU B 383 36.39 -18.65 -5.46
CA GLU B 383 36.29 -17.64 -6.52
C GLU B 383 35.04 -16.79 -6.34
N SER B 384 33.90 -17.41 -6.02
CA SER B 384 32.70 -16.59 -5.85
C SER B 384 32.91 -15.69 -4.63
N PHE B 385 33.63 -16.18 -3.64
CA PHE B 385 33.87 -15.37 -2.43
C PHE B 385 34.65 -14.09 -2.73
N LYS B 386 35.43 -14.08 -3.80
CA LYS B 386 36.21 -12.88 -4.13
C LYS B 386 35.25 -11.74 -4.40
N TYR B 387 34.21 -12.01 -5.17
CA TYR B 387 33.22 -11.00 -5.50
C TYR B 387 32.38 -10.60 -4.30
N LYS B 388 31.99 -11.58 -3.49
CA LYS B 388 31.21 -11.24 -2.31
C LYS B 388 32.02 -10.45 -1.29
N ALA B 389 33.29 -10.81 -1.13
CA ALA B 389 34.18 -10.11 -0.21
C ALA B 389 34.36 -8.66 -0.63
N LYS B 390 34.51 -8.43 -1.92
CA LYS B 390 34.65 -7.07 -2.39
C LYS B 390 33.34 -6.33 -2.20
N TYR B 391 32.23 -7.02 -2.42
CA TYR B 391 30.91 -6.40 -2.24
C TYR B 391 30.78 -5.94 -0.79
N ILE B 392 31.16 -6.81 0.14
CA ILE B 392 31.10 -6.52 1.57
C ILE B 392 31.93 -5.26 1.91
N LYS B 393 33.12 -5.19 1.34
CA LYS B 393 33.99 -4.05 1.57
C LYS B 393 33.38 -2.78 0.95
N GLN B 394 32.98 -2.88 -0.31
CA GLN B 394 32.38 -1.77 -1.06
C GLN B 394 31.12 -1.21 -0.37
N GLN B 395 30.22 -2.10 0.05
CA GLN B 395 28.98 -1.66 0.70
C GLN B 395 29.16 -1.36 2.19
N GLN B 396 30.41 -1.43 2.65
CA GLN B 396 30.73 -1.17 4.05
C GLN B 396 29.90 -2.02 5.02
N LEU B 397 29.79 -3.31 4.72
CA LEU B 397 29.02 -4.19 5.61
C LEU B 397 29.89 -4.62 6.77
N GLY B 398 29.28 -5.24 7.77
CA GLY B 398 30.03 -5.65 8.94
C GLY B 398 30.94 -6.82 8.73
N GLY B 399 30.66 -7.64 7.72
CA GLY B 399 31.50 -8.80 7.47
C GLY B 399 30.77 -9.95 6.79
N VAL B 400 31.26 -11.16 7.05
CA VAL B 400 30.70 -12.35 6.44
C VAL B 400 30.37 -13.41 7.52
N MET B 401 29.33 -14.18 7.24
CA MET B 401 28.93 -15.27 8.13
C MET B 401 28.76 -16.46 7.19
N PHE B 402 28.96 -17.67 7.70
CA PHE B 402 28.76 -18.83 6.85
C PHE B 402 28.20 -20.06 7.54
N TRP B 403 27.41 -20.81 6.79
CA TRP B 403 26.86 -22.07 7.26
C TRP B 403 27.41 -23.19 6.37
N HIS B 404 28.22 -24.09 6.92
CA HIS B 404 28.76 -24.02 8.27
C HIS B 404 30.16 -24.63 8.24
N LEU B 405 30.95 -24.31 9.27
CA LEU B 405 32.33 -24.76 9.44
C LEU B 405 32.59 -26.20 9.09
N GLY B 406 31.72 -27.07 9.59
CA GLY B 406 31.87 -28.49 9.34
C GLY B 406 31.85 -28.91 7.88
N GLN B 407 31.46 -27.99 6.99
CA GLN B 407 31.37 -28.31 5.56
C GLN B 407 32.55 -27.84 4.69
N ASP B 408 33.54 -27.18 5.28
CA ASP B 408 34.72 -26.73 4.52
C ASP B 408 35.55 -27.99 4.26
N ASN B 409 36.57 -27.93 3.38
CA ASN B 409 37.37 -29.13 3.17
C ASN B 409 38.34 -29.22 4.35
N ARG B 410 39.05 -30.33 4.48
CA ARG B 410 39.97 -30.51 5.62
C ARG B 410 41.03 -29.41 5.77
N ASN B 411 41.39 -28.77 4.66
CA ASN B 411 42.39 -27.72 4.72
C ASN B 411 41.78 -26.40 5.14
N GLY B 412 40.45 -26.34 5.19
CA GLY B 412 39.80 -25.10 5.55
C GLY B 412 40.04 -24.03 4.49
N ASP B 413 40.03 -24.41 3.22
CA ASP B 413 40.26 -23.44 2.16
C ASP B 413 39.22 -22.33 2.04
N LEU B 414 37.95 -22.64 2.29
CA LEU B 414 36.93 -21.61 2.16
C LEU B 414 37.08 -20.54 3.25
N LEU B 415 37.33 -20.98 4.47
CA LEU B 415 37.53 -20.07 5.58
C LEU B 415 38.79 -19.24 5.33
N ALA B 416 39.86 -19.91 4.90
CA ALA B 416 41.12 -19.22 4.64
C ALA B 416 40.94 -18.15 3.53
N ALA B 417 40.09 -18.43 2.53
CA ALA B 417 39.90 -17.47 1.45
C ALA B 417 39.17 -16.22 1.95
N LEU B 418 38.19 -16.41 2.82
CA LEU B 418 37.46 -15.26 3.34
C LEU B 418 38.40 -14.38 4.15
N ASP B 419 39.24 -15.01 4.98
CA ASP B 419 40.15 -14.25 5.81
C ASP B 419 41.15 -13.53 4.90
N ARG B 420 41.61 -14.24 3.89
CA ARG B 420 42.55 -13.66 2.95
C ARG B 420 42.00 -12.41 2.27
N TYR B 421 40.76 -12.47 1.76
CA TYR B 421 40.22 -11.32 1.04
C TYR B 421 39.97 -10.07 1.88
N PHE B 422 39.80 -10.26 3.19
CA PHE B 422 39.61 -9.11 4.05
C PHE B 422 40.92 -8.64 4.64
N ASN B 423 41.78 -9.57 5.02
CA ASN B 423 43.01 -9.21 5.71
C ASN B 423 44.40 -9.39 5.10
N ALA B 424 44.55 -10.14 4.02
CA ALA B 424 45.88 -10.36 3.50
C ALA B 424 46.52 -9.18 2.76
N ALA B 425 47.73 -8.84 3.17
CA ALA B 425 48.47 -7.74 2.56
C ALA B 425 48.82 -8.08 1.11
N ASP B 426 48.98 -9.36 0.80
CA ASP B 426 49.36 -9.76 -0.55
C ASP B 426 48.20 -10.15 -1.47
N TYR B 427 46.97 -9.77 -1.08
CA TYR B 427 45.79 -10.01 -1.90
C TYR B 427 45.31 -8.63 -2.31
N ASP B 428 45.04 -8.44 -3.59
CA ASP B 428 44.61 -7.13 -4.07
C ASP B 428 43.46 -7.30 -5.04
N ASP B 429 42.28 -6.81 -4.67
CA ASP B 429 41.11 -6.95 -5.53
C ASP B 429 40.65 -5.63 -6.12
N SER B 430 41.51 -4.62 -6.11
CA SER B 430 41.13 -3.31 -6.63
C SER B 430 40.68 -3.36 -8.07
N GLN B 431 41.21 -4.32 -8.82
CA GLN B 431 40.86 -4.44 -10.23
C GLN B 431 39.85 -5.55 -10.51
N LEU B 432 39.34 -6.21 -9.48
CA LEU B 432 38.36 -7.29 -9.69
C LEU B 432 37.12 -6.73 -10.35
N ASP B 433 36.72 -7.30 -11.48
CA ASP B 433 35.55 -6.77 -12.18
C ASP B 433 34.26 -7.38 -11.65
N MET B 434 33.42 -6.54 -11.07
CA MET B 434 32.15 -6.97 -10.50
C MET B 434 31.10 -7.48 -11.49
N GLY B 435 31.33 -7.23 -12.78
CA GLY B 435 30.43 -7.73 -13.81
C GLY B 435 29.22 -6.87 -14.18
N THR B 436 28.39 -7.42 -15.07
CA THR B 436 27.20 -6.69 -15.51
C THR B 436 25.88 -7.36 -15.12
N GLY B 437 25.92 -8.19 -14.07
CA GLY B 437 24.69 -8.83 -13.62
C GLY B 437 23.75 -7.75 -13.12
N LEU B 438 22.48 -8.10 -12.94
CA LEU B 438 21.49 -7.12 -12.48
C LEU B 438 21.64 -6.69 -11.02
N ARG B 439 21.60 -5.38 -10.82
CA ARG B 439 21.67 -4.77 -9.49
C ARG B 439 20.27 -4.44 -9.00
N TYR B 440 20.07 -4.54 -7.69
CA TYR B 440 18.78 -4.23 -7.10
C TYR B 440 18.78 -2.71 -6.95
N THR B 441 17.82 -2.03 -7.56
CA THR B 441 17.83 -0.58 -7.47
C THR B 441 16.63 0.10 -6.80
N GLY B 442 15.93 -0.62 -5.94
CA GLY B 442 14.80 -0.01 -5.26
C GLY B 442 15.22 1.18 -4.42
N VAL B 443 14.32 2.15 -4.31
CA VAL B 443 14.56 3.33 -3.52
C VAL B 443 13.41 3.46 -2.55
N GLY B 444 13.72 3.36 -1.27
CA GLY B 444 12.68 3.48 -0.27
C GLY B 444 12.81 4.79 0.47
N PRO B 445 11.71 5.31 1.03
CA PRO B 445 11.73 6.58 1.77
C PRO B 445 12.77 6.53 2.89
N GLY B 446 13.45 5.40 3.01
CA GLY B 446 14.47 5.25 4.02
C GLY B 446 15.88 5.28 3.45
N ASN B 447 16.03 5.61 2.17
CA ASN B 447 17.35 5.69 1.52
C ASN B 447 17.25 6.63 0.31
N LEU B 448 16.52 7.72 0.49
CA LEU B 448 16.32 8.69 -0.58
C LEU B 448 17.60 9.43 -0.92
N PRO B 449 17.76 9.79 -2.20
CA PRO B 449 18.97 10.51 -2.58
C PRO B 449 18.93 11.95 -2.09
N ILE B 450 20.10 12.59 -2.05
CA ILE B 450 20.17 13.99 -1.66
C ILE B 450 19.63 14.75 -2.88
N MET B 451 18.65 15.61 -2.67
CA MET B 451 18.08 16.36 -3.78
C MET B 451 17.90 17.82 -3.44
N THR B 452 17.77 18.62 -4.49
CA THR B 452 17.60 20.07 -4.34
C THR B 452 16.41 20.56 -5.15
N ALA B 453 15.63 21.46 -4.56
CA ALA B 453 14.46 22.01 -5.22
C ALA B 453 14.03 23.29 -4.51
N PRO B 454 13.35 24.20 -5.25
CA PRO B 454 12.88 25.46 -4.68
C PRO B 454 11.95 25.13 -3.52
N ALA B 455 12.01 25.91 -2.46
CA ALA B 455 11.15 25.66 -1.33
C ALA B 455 9.69 25.72 -1.78
N TYR B 456 8.85 24.97 -1.09
CA TYR B 456 7.42 24.97 -1.39
C TYR B 456 6.90 26.37 -1.06
N VAL B 457 5.91 26.85 -1.82
CA VAL B 457 5.33 28.18 -1.56
C VAL B 457 3.84 28.04 -1.31
N PRO B 458 3.41 28.19 -0.04
CA PRO B 458 1.98 28.07 0.29
C PRO B 458 1.14 29.00 -0.58
N GLY B 459 -0.07 28.55 -0.93
CA GLY B 459 -0.95 29.36 -1.75
C GLY B 459 -0.65 29.30 -3.23
N THR B 460 0.35 28.49 -3.58
CA THR B 460 0.76 28.32 -4.97
C THR B 460 0.05 27.11 -5.55
N THR B 461 -0.15 27.12 -6.87
CA THR B 461 -0.75 25.99 -7.54
C THR B 461 0.37 25.35 -8.36
N TYR B 462 0.62 24.06 -8.14
CA TYR B 462 1.68 23.35 -8.86
C TYR B 462 1.18 22.36 -9.90
N ALA B 463 1.96 22.23 -10.96
CA ALA B 463 1.65 21.32 -12.03
C ALA B 463 2.21 19.94 -11.69
N GLN B 464 1.87 18.98 -12.53
CA GLN B 464 2.30 17.62 -12.36
C GLN B 464 3.80 17.54 -12.59
N GLY B 465 4.48 16.80 -11.72
CA GLY B 465 5.91 16.63 -11.86
C GLY B 465 6.76 17.72 -11.23
N ALA B 466 6.12 18.75 -10.68
CA ALA B 466 6.86 19.84 -10.03
C ALA B 466 7.61 19.26 -8.84
N LEU B 467 8.71 19.92 -8.48
CA LEU B 467 9.51 19.48 -7.34
C LEU B 467 9.72 20.64 -6.40
N VAL B 468 9.60 20.38 -5.10
CA VAL B 468 9.77 21.41 -4.09
C VAL B 468 10.41 20.82 -2.86
N SER B 469 11.14 21.66 -2.13
CA SER B 469 11.76 21.20 -0.91
C SER B 469 10.79 21.65 0.17
N TYR B 470 10.59 20.79 1.16
CA TYR B 470 9.68 21.10 2.23
C TYR B 470 9.91 20.18 3.42
N GLN B 471 10.15 20.78 4.57
CA GLN B 471 10.38 20.06 5.81
C GLN B 471 11.38 18.90 5.74
N GLY B 472 12.57 19.16 5.21
CA GLY B 472 13.59 18.13 5.15
C GLY B 472 13.57 17.15 4.00
N TYR B 473 12.62 17.31 3.09
CA TYR B 473 12.55 16.40 1.97
C TYR B 473 12.20 17.18 0.73
N VAL B 474 12.37 16.51 -0.40
CA VAL B 474 12.04 17.06 -1.71
C VAL B 474 10.88 16.21 -2.17
N TRP B 475 9.82 16.87 -2.63
CA TRP B 475 8.62 16.19 -3.06
C TRP B 475 8.24 16.49 -4.49
N GLN B 476 7.57 15.53 -5.11
CA GLN B 476 7.11 15.67 -6.49
C GLN B 476 5.61 15.40 -6.58
N THR B 477 4.91 16.20 -7.37
CA THR B 477 3.47 16.06 -7.57
C THR B 477 3.18 14.90 -8.52
N LYS B 478 2.17 14.09 -8.20
CA LYS B 478 1.79 12.95 -9.04
C LYS B 478 0.76 13.34 -10.09
N TRP B 479 0.14 14.50 -9.94
CA TRP B 479 -0.81 14.99 -10.93
C TRP B 479 -0.85 16.50 -10.82
N GLY B 480 -1.66 17.15 -11.64
CA GLY B 480 -1.66 18.60 -11.63
C GLY B 480 -2.68 19.34 -10.79
N TYR B 481 -2.62 20.66 -10.90
CA TYR B 481 -3.48 21.57 -10.17
C TYR B 481 -3.38 21.29 -8.68
N ILE B 482 -2.15 21.26 -8.17
CA ILE B 482 -1.97 20.98 -6.75
C ILE B 482 -1.94 22.24 -5.92
N THR B 483 -2.86 22.31 -4.97
CA THR B 483 -2.95 23.48 -4.12
C THR B 483 -2.67 23.14 -2.67
N SER B 484 -2.39 21.87 -2.40
CA SER B 484 -2.08 21.44 -1.04
C SER B 484 -0.56 21.41 -0.77
N ALA B 485 -0.21 21.40 0.51
CA ALA B 485 1.19 21.36 0.93
C ALA B 485 1.70 19.93 0.97
N PRO B 486 2.99 19.73 0.65
CA PRO B 486 3.58 18.39 0.67
C PRO B 486 3.43 17.76 2.07
N GLY B 487 3.49 16.45 2.15
CA GLY B 487 3.35 15.78 3.43
C GLY B 487 1.88 15.66 3.75
N SER B 488 1.13 16.63 3.23
CA SER B 488 -0.32 16.69 3.37
C SER B 488 -0.91 15.97 2.15
N ASP B 489 -2.22 15.68 2.21
CA ASP B 489 -2.91 14.97 1.13
C ASP B 489 -2.04 13.86 0.53
N SER B 490 -2.35 13.44 -0.69
CA SER B 490 -1.62 12.38 -1.33
C SER B 490 -1.11 12.69 -2.74
N ALA B 491 -1.12 13.96 -3.13
CA ALA B 491 -0.65 14.32 -4.45
C ALA B 491 0.88 14.45 -4.45
N TRP B 492 1.49 14.51 -3.27
CA TRP B 492 2.95 14.67 -3.20
C TRP B 492 3.74 13.40 -2.90
N LEU B 493 4.77 13.16 -3.68
CA LEU B 493 5.62 12.01 -3.49
C LEU B 493 6.99 12.43 -2.97
N LYS B 494 7.38 11.87 -1.84
CA LYS B 494 8.68 12.15 -1.24
C LYS B 494 9.73 11.46 -2.13
N VAL B 495 10.62 12.25 -2.74
CA VAL B 495 11.63 11.67 -3.63
C VAL B 495 13.08 11.94 -3.26
N GLY B 496 13.33 12.81 -2.28
CA GLY B 496 14.69 13.07 -1.91
C GLY B 496 14.83 13.69 -0.53
N ARG B 497 16.07 13.78 -0.07
CA ARG B 497 16.41 14.36 1.22
C ARG B 497 17.06 15.73 0.99
N VAL B 498 16.73 16.65 1.89
CA VAL B 498 17.26 17.99 1.87
C VAL B 498 18.57 17.97 2.65
N ALA B 499 19.66 18.41 2.03
CA ALA B 499 20.96 18.41 2.69
C ALA B 499 20.95 19.40 3.84
C 0AR C 1 16.28 -27.17 4.60
N 0AR C 1 15.44 -25.06 5.60
O 0AR C 1 16.88 -26.66 3.66
CA 0AR C 1 15.04 -26.45 5.22
CB 0AR C 1 13.93 -26.42 4.17
CD 0AR C 1 11.47 -26.08 3.72
NE 0AR C 1 11.66 -24.74 3.14
CG 0AR C 1 12.53 -26.29 4.80
CZ 0AR C 1 10.89 -24.27 2.17
C0B 0AR C 1 10.35 -22.49 0.73
O0C 0AR C 1 9.40 -23.07 0.19
C1B 0AR C 1 10.74 -21.07 0.34
NH1 0AR C 1 9.94 -25.04 1.63
NH2 0AR C 1 11.11 -23.03 1.70
N DPR C 2 16.73 -28.33 5.11
CA DPR C 2 17.88 -29.06 4.54
CB DPR C 2 17.68 -30.45 5.16
CG DPR C 2 17.03 -30.17 6.52
CD DPR C 2 16.08 -29.01 6.25
C DPR C 2 19.25 -28.51 5.00
O DPR C 2 20.24 -29.22 4.92
N HSE C 3 19.31 -27.26 5.47
CA HSE C 3 20.60 -26.71 5.92
C HSE C 3 20.39 -25.84 7.14
C3 HSE C 3 21.19 -25.71 4.91
O HSE C 3 20.10 -26.30 8.25
C4 HSE C 3 20.81 -24.31 5.45
O3 HSE C 3 19.64 -23.85 4.78
N HIS C 4 20.52 -24.57 6.89
CA HIS C 4 20.38 -23.52 7.95
C HIS C 4 18.87 -23.32 8.14
C1' UN1 C 5 13.79 -22.14 3.19
O1' UN1 C 5 13.44 -23.31 3.46
O2' UN1 C 5 13.22 -21.34 2.41
O UN1 C 5 16.98 -25.78 7.08
C1 UN1 C 5 15.04 -21.65 3.87
C UN1 C 5 16.39 -24.85 6.52
CA UN1 C 5 16.79 -23.38 6.85
C5 UN1 C 5 16.58 -22.43 5.66
C6 UN1 C 5 15.16 -22.40 5.20
N UN1 C 5 18.23 -23.45 7.02
C 0AR D 1 -16.19 26.17 -11.50
N 0AR D 1 -15.56 24.73 -9.62
O 0AR D 1 -16.42 25.26 -12.30
CA 0AR D 1 -15.16 25.95 -10.38
CB 0AR D 1 -13.78 25.73 -11.04
CD 0AR D 1 -11.27 25.65 -10.75
NE 0AR D 1 -11.24 24.18 -10.76
CG 0AR D 1 -12.61 26.11 -10.12
CZ 0AR D 1 -10.25 23.47 -11.27
C0B 0AR D 1 -9.37 21.33 -11.70
O0C 0AR D 1 -8.33 21.71 -12.22
C1B 0AR D 1 -9.65 19.83 -11.53
NH1 0AR D 1 -9.20 24.07 -11.84
NH2 0AR D 1 -10.32 22.13 -11.22
N DPR D 2 -16.85 27.33 -11.61
CA DPR D 2 -17.83 27.58 -12.69
CB DPR D 2 -17.83 29.11 -12.74
CG DPR D 2 -17.58 29.54 -11.29
CD DPR D 2 -16.59 28.50 -10.76
C DPR D 2 -19.26 27.11 -12.32
O DPR D 2 -20.23 27.57 -12.89
N HSE D 3 -19.36 26.18 -11.36
CA HSE D 3 -20.69 25.70 -10.95
C HSE D 3 -20.71 25.39 -9.47
C3 HSE D 3 -21.02 24.33 -11.58
O HSE D 3 -20.68 26.24 -8.58
C4 HSE D 3 -20.70 23.30 -10.47
O3 HSE D 3 -19.38 22.78 -10.66
N HIS D 4 -20.75 24.10 -9.24
CA HIS D 4 -20.81 23.53 -7.85
C HIS D 4 -19.39 23.61 -7.29
C1' UN1 D 5 -13.14 21.29 -10.22
O1' UN1 D 5 -12.40 20.28 -10.38
O2' UN1 D 5 -12.81 22.47 -10.37
O UN1 D 5 -17.30 25.77 -8.65
C1 UN1 D 5 -14.57 21.04 -9.79
C UN1 D 5 -16.62 24.76 -8.81
CA UN1 D 5 -17.04 23.45 -8.05
C5 UN1 D 5 -16.50 22.18 -8.75
C6 UN1 D 5 -15.01 22.19 -8.89
N UN1 D 5 -18.48 23.40 -8.24
C1 GOL E . 8.22 -19.15 -1.03
O1 GOL E . 7.17 -19.18 -0.06
C2 GOL E . 7.61 -18.86 -2.41
O2 GOL E . 6.63 -19.85 -2.75
C3 GOL E . 8.74 -18.85 -3.45
O3 GOL E . 8.18 -18.58 -4.74
C1 GOL F . 19.33 -26.00 11.74
O1 GOL F . 18.68 -25.12 10.82
C2 GOL F . 18.61 -27.36 11.87
O2 GOL F . 17.27 -27.14 12.29
C3 GOL F . 19.35 -28.23 12.89
O3 GOL F . 18.72 -29.52 13.05
C1 GOL G . 15.54 -5.20 -9.41
O1 GOL G . 15.91 -3.82 -9.55
C2 GOL G . 16.29 -6.08 -10.44
O2 GOL G . 15.94 -5.68 -11.77
C3 GOL G . 15.90 -7.54 -10.27
O3 GOL G . 16.24 -7.97 -8.96
C1 GOL H . 6.62 -16.58 4.81
O1 GOL H . 5.42 -15.83 4.90
C2 GOL H . 6.62 -17.40 3.52
O2 GOL H . 5.50 -18.28 3.50
C3 GOL H . 7.91 -18.21 3.41
O3 GOL H . 7.92 -18.99 2.21
C1 GOL I . 19.76 -32.40 11.38
O1 GOL I . 18.68 -32.01 12.25
C2 GOL I . 19.81 -31.53 10.11
O2 GOL I . 20.89 -31.96 9.27
C3 GOL I . 20.03 -30.06 10.48
O3 GOL I . 20.09 -29.26 9.28
#